data_8OH7
#
_entry.id   8OH7
#
_entity_poly.entity_id   1
_entity_poly.type   'polypeptide(L)'
_entity_poly.pdbx_seq_one_letter_code
;PDLPKLVKLLKSSNEEILLKALRALAEIASGGNEQIQAVIDAGALPALVQLLSSPNEQILQEALWALSNIASGGNEQIQA
VIDAGALPALVQLLSSPNEQILQEALWALSNIASGGNEQIQAVIDAGALPALVQLLSSPNEQILQEALWALSNIASGGNE
QIQAVIDAGALPALVQLLSSPNEQILQEALWALSNIASGGNEQKQAVKEAGALEKLEQLQSHENEKIQKEAQEALEKLQ
;
_entity_poly.pdbx_strand_id   A
#
# COMPACT_ATOMS: atom_id res chain seq x y z
N PRO A 1 12.12 -5.84 -30.29
CA PRO A 1 11.26 -4.95 -29.51
C PRO A 1 11.97 -3.67 -29.09
N ASP A 2 11.21 -2.66 -28.70
CA ASP A 2 11.77 -1.39 -28.27
C ASP A 2 11.75 -1.27 -26.75
N LEU A 3 11.91 -2.40 -26.07
CA LEU A 3 11.91 -2.42 -24.61
C LEU A 3 13.20 -1.82 -24.06
N PRO A 4 14.34 -2.45 -24.39
CA PRO A 4 15.66 -1.99 -23.93
C PRO A 4 16.07 -0.68 -24.59
N LYS A 5 15.77 -0.54 -25.88
CA LYS A 5 16.11 0.66 -26.63
C LYS A 5 15.42 1.88 -26.03
N LEU A 6 14.30 1.66 -25.36
CA LEU A 6 13.54 2.74 -24.74
C LEU A 6 14.08 3.03 -23.34
N VAL A 7 14.65 2.02 -22.70
CA VAL A 7 15.20 2.17 -21.36
C VAL A 7 16.50 2.97 -21.38
N LYS A 8 17.30 2.76 -22.43
CA LYS A 8 18.57 3.46 -22.58
C LYS A 8 18.40 4.95 -22.33
N LEU A 9 17.26 5.49 -22.76
CA LEU A 9 16.98 6.92 -22.58
C LEU A 9 16.93 7.28 -21.10
N LEU A 10 16.27 6.44 -20.31
CA LEU A 10 16.15 6.67 -18.88
C LEU A 10 17.51 7.00 -18.26
N LYS A 11 18.56 6.41 -18.83
CA LYS A 11 19.91 6.64 -18.33
C LYS A 11 20.52 7.88 -18.98
N SER A 12 20.16 8.13 -20.24
CA SER A 12 20.67 9.28 -20.96
C SER A 12 20.50 10.55 -20.15
N SER A 13 21.13 11.64 -20.61
CA SER A 13 21.05 12.92 -19.92
C SER A 13 19.99 13.81 -20.57
N ASN A 14 19.86 13.71 -21.88
CA ASN A 14 18.89 14.50 -22.62
C ASN A 14 17.51 14.42 -21.97
N GLU A 15 17.06 15.54 -21.41
CA GLU A 15 15.75 15.60 -20.77
C GLU A 15 14.63 15.30 -21.76
N GLU A 16 14.66 15.99 -22.90
CA GLU A 16 13.64 15.80 -23.93
C GLU A 16 13.50 14.33 -24.28
N ILE A 17 14.64 13.63 -24.38
CA ILE A 17 14.63 12.21 -24.72
C ILE A 17 14.23 11.36 -23.51
N LEU A 18 14.64 11.80 -22.32
CA LEU A 18 14.33 11.08 -21.09
C LEU A 18 12.83 11.11 -20.82
N LEU A 19 12.28 12.32 -20.68
CA LEU A 19 10.86 12.49 -20.42
C LEU A 19 10.02 11.70 -21.42
N LYS A 20 10.35 11.85 -22.70
CA LYS A 20 9.63 11.16 -23.76
C LYS A 20 9.61 9.65 -23.51
N ALA A 21 10.68 9.14 -22.93
CA ALA A 21 10.78 7.71 -22.63
C ALA A 21 10.51 7.44 -21.16
N LEU A 22 9.85 8.40 -20.49
CA LEU A 22 9.53 8.26 -19.08
C LEU A 22 8.05 7.92 -18.89
N ARG A 23 7.25 8.21 -19.90
CA ARG A 23 5.82 7.93 -19.85
C ARG A 23 5.49 6.65 -20.60
N ALA A 24 6.24 6.38 -21.67
CA ALA A 24 6.03 5.19 -22.47
C ALA A 24 5.93 3.95 -21.60
N LEU A 25 7.02 3.63 -20.90
CA LEU A 25 7.06 2.47 -20.02
C LEU A 25 5.77 2.36 -19.20
N ALA A 26 5.21 3.52 -18.85
CA ALA A 26 3.99 3.56 -18.06
C ALA A 26 2.81 2.97 -18.84
N GLU A 27 2.50 3.59 -19.98
CA GLU A 27 1.39 3.13 -20.81
C GLU A 27 1.52 1.64 -21.11
N ILE A 28 2.76 1.18 -21.29
CA ILE A 28 3.02 -0.23 -21.58
C ILE A 28 2.95 -1.07 -20.31
N ALA A 29 3.33 -0.48 -19.19
CA ALA A 29 3.32 -1.17 -17.91
C ALA A 29 1.90 -1.61 -17.55
N SER A 30 0.93 -0.76 -17.83
CA SER A 30 -0.46 -1.05 -17.53
C SER A 30 -1.15 -1.68 -18.74
N GLY A 31 -0.41 -2.50 -19.48
CA GLY A 31 -0.98 -3.15 -20.65
C GLY A 31 -1.30 -4.60 -20.40
N GLY A 32 -1.45 -4.97 -19.14
CA GLY A 32 -1.77 -6.34 -18.79
C GLY A 32 -0.69 -6.98 -17.93
N ASN A 33 -1.09 -7.94 -17.10
CA ASN A 33 -0.15 -8.64 -16.22
C ASN A 33 1.02 -9.18 -17.02
N GLU A 34 0.73 -9.98 -18.04
CA GLU A 34 1.77 -10.57 -18.88
C GLU A 34 2.72 -9.49 -19.40
N GLN A 35 2.18 -8.30 -19.64
CA GLN A 35 2.97 -7.19 -20.15
C GLN A 35 3.87 -6.62 -19.05
N ILE A 36 3.39 -6.69 -17.81
CA ILE A 36 4.16 -6.18 -16.68
C ILE A 36 5.48 -6.92 -16.52
N GLN A 37 5.48 -8.20 -16.87
CA GLN A 37 6.68 -9.02 -16.77
C GLN A 37 7.71 -8.60 -17.82
N ALA A 38 7.23 -8.19 -18.99
CA ALA A 38 8.10 -7.75 -20.07
C ALA A 38 8.87 -6.50 -19.68
N VAL A 39 8.22 -5.61 -18.94
CA VAL A 39 8.85 -4.36 -18.50
C VAL A 39 9.99 -4.64 -17.53
N ILE A 40 9.75 -5.55 -16.60
CA ILE A 40 10.76 -5.91 -15.60
C ILE A 40 12.09 -6.25 -16.27
N ASP A 41 12.12 -7.37 -16.99
CA ASP A 41 13.33 -7.80 -17.67
C ASP A 41 13.89 -6.68 -18.55
N ALA A 42 13.00 -5.85 -19.09
CA ALA A 42 13.41 -4.74 -19.93
C ALA A 42 14.48 -3.90 -19.26
N GLY A 43 14.39 -3.79 -17.93
CA GLY A 43 15.35 -3.01 -17.19
C GLY A 43 14.85 -1.62 -16.86
N ALA A 44 13.58 -1.52 -16.49
CA ALA A 44 12.98 -0.24 -16.16
C ALA A 44 12.78 -0.10 -14.65
N LEU A 45 12.76 -1.24 -13.96
CA LEU A 45 12.58 -1.24 -12.50
C LEU A 45 13.53 -0.26 -11.83
N PRO A 46 14.84 -0.46 -12.05
CA PRO A 46 15.88 0.39 -11.47
C PRO A 46 15.89 1.79 -12.10
N ALA A 47 15.79 1.84 -13.42
CA ALA A 47 15.78 3.12 -14.13
C ALA A 47 14.76 4.07 -13.55
N LEU A 48 13.53 3.58 -13.39
CA LEU A 48 12.45 4.39 -12.83
C LEU A 48 12.78 4.83 -11.41
N VAL A 49 13.20 3.88 -10.58
CA VAL A 49 13.55 4.18 -9.20
C VAL A 49 14.49 5.38 -9.10
N GLN A 50 15.50 5.40 -9.96
CA GLN A 50 16.47 6.49 -9.98
C GLN A 50 15.76 7.84 -10.13
N LEU A 51 14.63 7.83 -10.81
CA LEU A 51 13.86 9.06 -11.02
C LEU A 51 13.23 9.53 -9.72
N LEU A 52 13.02 8.61 -8.79
CA LEU A 52 12.42 8.93 -7.50
C LEU A 52 13.20 10.07 -6.82
N SER A 53 14.50 10.09 -7.02
CA SER A 53 15.36 11.12 -6.43
C SER A 53 15.61 12.25 -7.43
N SER A 54 14.54 12.78 -8.00
CA SER A 54 14.66 13.87 -8.97
C SER A 54 13.84 15.07 -8.53
N PRO A 55 14.38 16.27 -8.77
CA PRO A 55 13.72 17.53 -8.42
C PRO A 55 12.50 17.81 -9.28
N ASN A 56 12.67 17.69 -10.60
CA ASN A 56 11.59 17.93 -11.53
C ASN A 56 10.34 17.14 -11.14
N GLU A 57 9.27 17.84 -10.80
CA GLU A 57 8.02 17.21 -10.41
C GLU A 57 7.43 16.39 -11.56
N GLN A 58 7.53 16.95 -12.77
CA GLN A 58 7.01 16.27 -13.95
C GLN A 58 7.63 14.88 -14.11
N ILE A 59 8.90 14.77 -13.74
CA ILE A 59 9.61 13.50 -13.84
C ILE A 59 9.13 12.52 -12.78
N LEU A 60 9.08 12.97 -11.53
CA LEU A 60 8.64 12.14 -10.42
C LEU A 60 7.20 11.68 -10.63
N GLN A 61 6.33 12.62 -10.97
CA GLN A 61 4.92 12.31 -11.20
C GLN A 61 4.76 11.15 -12.17
N GLU A 62 5.66 11.09 -13.16
CA GLU A 62 5.62 10.03 -14.16
C GLU A 62 6.27 8.76 -13.63
N ALA A 63 7.45 8.91 -13.04
CA ALA A 63 8.17 7.77 -12.48
C ALA A 63 7.28 6.94 -11.56
N LEU A 64 6.46 7.63 -10.77
CA LEU A 64 5.56 6.96 -9.83
C LEU A 64 4.41 6.28 -10.58
N TRP A 65 3.95 6.92 -11.65
CA TRP A 65 2.86 6.38 -12.45
C TRP A 65 3.26 5.03 -13.06
N ALA A 66 4.40 4.99 -13.73
CA ALA A 66 4.89 3.77 -14.35
C ALA A 66 5.20 2.71 -13.30
N LEU A 67 5.83 3.13 -12.21
CA LEU A 67 6.19 2.21 -11.13
C LEU A 67 4.94 1.62 -10.49
N SER A 68 3.93 2.45 -10.27
CA SER A 68 2.69 2.01 -9.66
C SER A 68 2.05 0.88 -10.47
N ASN A 69 1.92 1.09 -11.78
CA ASN A 69 1.33 0.11 -12.67
C ASN A 69 2.01 -1.25 -12.49
N ILE A 70 3.33 -1.27 -12.63
CA ILE A 70 4.09 -2.50 -12.48
C ILE A 70 3.88 -3.12 -11.10
N ALA A 71 3.73 -2.27 -10.09
CA ALA A 71 3.51 -2.73 -8.73
C ALA A 71 2.18 -3.45 -8.60
N SER A 72 1.26 -3.17 -9.52
CA SER A 72 -0.05 -3.79 -9.50
C SER A 72 -0.06 -5.05 -10.38
N GLY A 73 1.06 -5.74 -10.41
CA GLY A 73 1.16 -6.95 -11.21
C GLY A 73 0.87 -8.20 -10.40
N GLY A 74 1.28 -9.36 -10.93
CA GLY A 74 1.05 -10.61 -10.24
C GLY A 74 1.94 -10.77 -9.03
N ASN A 75 1.68 -11.81 -8.24
CA ASN A 75 2.47 -12.07 -7.04
C ASN A 75 3.96 -12.09 -7.36
N GLU A 76 4.33 -12.85 -8.38
CA GLU A 76 5.73 -12.95 -8.79
C GLU A 76 6.23 -11.63 -9.36
N GLN A 77 5.41 -11.02 -10.21
CA GLN A 77 5.75 -9.74 -10.83
C GLN A 77 6.10 -8.70 -9.76
N ILE A 78 5.26 -8.61 -8.74
CA ILE A 78 5.47 -7.65 -7.66
C ILE A 78 6.84 -7.85 -7.01
N GLN A 79 7.23 -9.10 -6.82
CA GLN A 79 8.51 -9.43 -6.22
C GLN A 79 9.66 -8.77 -6.97
N ALA A 80 9.56 -8.79 -8.31
CA ALA A 80 10.59 -8.19 -9.15
C ALA A 80 10.89 -6.76 -8.72
N VAL A 81 9.84 -6.01 -8.38
CA VAL A 81 10.00 -4.62 -7.95
C VAL A 81 10.69 -4.55 -6.60
N ILE A 82 10.40 -5.52 -5.73
CA ILE A 82 11.00 -5.56 -4.40
C ILE A 82 12.49 -5.91 -4.48
N ASP A 83 12.86 -6.68 -5.50
CA ASP A 83 14.25 -7.08 -5.69
C ASP A 83 14.96 -6.12 -6.63
N ALA A 84 14.50 -4.87 -6.67
CA ALA A 84 15.11 -3.86 -7.52
C ALA A 84 15.67 -2.71 -6.70
N GLY A 85 15.13 -2.53 -5.50
CA GLY A 85 15.60 -1.46 -4.63
C GLY A 85 14.62 -0.30 -4.56
N ALA A 86 13.37 -0.56 -4.92
CA ALA A 86 12.34 0.48 -4.90
C ALA A 86 11.64 0.53 -3.55
N LEU A 87 12.00 -0.40 -2.66
CA LEU A 87 11.40 -0.45 -1.33
C LEU A 87 11.91 0.71 -0.47
N PRO A 88 13.24 0.75 -0.24
CA PRO A 88 13.87 1.79 0.57
C PRO A 88 13.85 3.15 -0.12
N ALA A 89 13.21 3.21 -1.29
CA ALA A 89 13.12 4.45 -2.05
C ALA A 89 11.69 4.98 -2.05
N LEU A 90 10.77 4.18 -2.58
CA LEU A 90 9.37 4.57 -2.65
C LEU A 90 8.87 5.04 -1.28
N VAL A 91 9.28 4.34 -0.24
CA VAL A 91 8.88 4.68 1.12
C VAL A 91 9.31 6.09 1.48
N GLN A 92 10.56 6.42 1.16
CA GLN A 92 11.10 7.75 1.44
C GLN A 92 10.19 8.84 0.90
N LEU A 93 9.58 8.57 -0.24
CA LEU A 93 8.67 9.54 -0.87
C LEU A 93 7.49 9.84 0.04
N LEU A 94 7.09 8.86 0.84
CA LEU A 94 5.97 9.04 1.76
C LEU A 94 6.14 10.28 2.61
N SER A 95 7.39 10.61 2.92
CA SER A 95 7.70 11.78 3.73
C SER A 95 8.06 12.97 2.84
N SER A 96 7.14 13.33 1.94
CA SER A 96 7.38 14.46 1.03
C SER A 96 6.29 15.50 1.18
N PRO A 97 6.65 16.77 0.92
CA PRO A 97 5.72 17.90 1.02
C PRO A 97 4.66 17.87 -0.06
N ASN A 98 5.10 17.70 -1.30
CA ASN A 98 4.18 17.66 -2.44
C ASN A 98 3.06 16.65 -2.20
N GLU A 99 1.85 17.02 -2.61
CA GLU A 99 0.69 16.15 -2.43
C GLU A 99 0.63 15.09 -3.53
N GLN A 100 1.00 15.48 -4.74
CA GLN A 100 0.99 14.57 -5.88
C GLN A 100 2.01 13.45 -5.68
N ILE A 101 3.24 13.83 -5.35
CA ILE A 101 4.31 12.86 -5.14
C ILE A 101 3.89 11.82 -4.10
N LEU A 102 3.52 12.29 -2.91
CA LEU A 102 3.11 11.41 -1.84
C LEU A 102 1.92 10.55 -2.26
N GLN A 103 1.03 11.14 -3.06
CA GLN A 103 -0.15 10.42 -3.54
C GLN A 103 0.25 9.20 -4.36
N GLU A 104 0.98 9.44 -5.45
CA GLU A 104 1.42 8.36 -6.32
C GLU A 104 2.35 7.40 -5.58
N ALA A 105 3.30 7.97 -4.84
CA ALA A 105 4.25 7.17 -4.09
C ALA A 105 3.54 6.14 -3.22
N LEU A 106 2.42 6.54 -2.63
CA LEU A 106 1.65 5.66 -1.77
C LEU A 106 1.00 4.54 -2.59
N TRP A 107 0.40 4.91 -3.72
CA TRP A 107 -0.25 3.94 -4.58
C TRP A 107 0.67 2.78 -4.92
N ALA A 108 1.91 3.12 -5.29
CA ALA A 108 2.91 2.12 -5.64
C ALA A 108 3.17 1.18 -4.45
N LEU A 109 3.22 1.76 -3.26
CA LEU A 109 3.48 0.99 -2.05
C LEU A 109 2.29 0.07 -1.73
N SER A 110 1.08 0.60 -1.86
CA SER A 110 -0.12 -0.17 -1.59
C SER A 110 -0.25 -1.34 -2.55
N ASN A 111 -0.01 -1.08 -3.83
CA ASN A 111 -0.09 -2.11 -4.86
C ASN A 111 0.82 -3.30 -4.52
N ILE A 112 2.05 -2.99 -4.09
CA ILE A 112 3.01 -4.01 -3.73
C ILE A 112 2.62 -4.71 -2.43
N ALA A 113 2.29 -3.90 -1.42
CA ALA A 113 1.89 -4.44 -0.12
C ALA A 113 0.83 -5.51 -0.27
N SER A 114 -0.01 -5.37 -1.29
CA SER A 114 -1.08 -6.33 -1.55
C SER A 114 -0.55 -7.55 -2.28
N GLY A 115 0.45 -8.19 -1.68
CA GLY A 115 1.03 -9.39 -2.29
C GLY A 115 0.75 -10.64 -1.49
N GLY A 116 1.48 -11.70 -1.79
CA GLY A 116 1.29 -12.95 -1.09
C GLY A 116 1.91 -12.94 0.30
N ASN A 117 1.81 -14.07 1.00
CA ASN A 117 2.37 -14.19 2.34
C ASN A 117 3.86 -13.83 2.36
N GLU A 118 4.65 -14.64 1.66
CA GLU A 118 6.09 -14.41 1.59
C GLU A 118 6.39 -12.97 1.17
N GLN A 119 5.55 -12.42 0.30
CA GLN A 119 5.73 -11.06 -0.18
C GLN A 119 5.50 -10.05 0.95
N ILE A 120 4.46 -10.30 1.75
CA ILE A 120 4.13 -9.40 2.86
C ILE A 120 5.24 -9.41 3.91
N GLN A 121 5.67 -10.60 4.29
CA GLN A 121 6.73 -10.74 5.28
C GLN A 121 7.95 -9.89 4.91
N ALA A 122 8.23 -9.81 3.62
CA ALA A 122 9.36 -9.03 3.13
C ALA A 122 9.19 -7.55 3.48
N VAL A 123 7.97 -7.05 3.35
CA VAL A 123 7.69 -5.66 3.65
C VAL A 123 7.87 -5.36 5.14
N ILE A 124 7.37 -6.26 5.99
CA ILE A 124 7.49 -6.10 7.43
C ILE A 124 8.95 -6.02 7.86
N ASP A 125 9.75 -6.94 7.36
CA ASP A 125 11.18 -6.99 7.69
C ASP A 125 11.85 -5.67 7.31
N ALA A 126 11.47 -5.12 6.16
CA ALA A 126 12.04 -3.86 5.70
C ALA A 126 11.98 -2.79 6.77
N GLY A 127 10.91 -2.82 7.57
CA GLY A 127 10.74 -1.85 8.63
C GLY A 127 9.74 -0.76 8.27
N ALA A 128 8.73 -1.13 7.49
CA ALA A 128 7.70 -0.18 7.08
C ALA A 128 6.42 -0.38 7.89
N LEU A 129 6.54 -1.09 9.00
CA LEU A 129 5.39 -1.35 9.86
C LEU A 129 4.97 -0.09 10.61
N PRO A 130 5.88 0.44 11.43
CA PRO A 130 5.64 1.65 12.22
C PRO A 130 5.55 2.89 11.35
N ALA A 131 6.42 2.98 10.34
CA ALA A 131 6.43 4.11 9.44
C ALA A 131 5.04 4.41 8.90
N LEU A 132 4.27 3.35 8.67
CA LEU A 132 2.91 3.50 8.15
C LEU A 132 1.93 3.86 9.26
N VAL A 133 2.17 3.31 10.46
CA VAL A 133 1.32 3.58 11.61
C VAL A 133 1.21 5.08 11.88
N GLN A 134 2.33 5.77 11.80
CA GLN A 134 2.37 7.21 12.04
C GLN A 134 1.49 7.95 11.03
N LEU A 135 1.46 7.44 9.81
CA LEU A 135 0.66 8.04 8.75
C LEU A 135 -0.83 8.01 9.10
N LEU A 136 -1.24 6.96 9.80
CA LEU A 136 -2.63 6.81 10.20
C LEU A 136 -3.14 8.07 10.88
N SER A 137 -2.26 8.74 11.62
CA SER A 137 -2.61 9.97 12.32
C SER A 137 -2.13 11.20 11.56
N SER A 138 -2.62 11.37 10.34
CA SER A 138 -2.24 12.51 9.51
C SER A 138 -3.45 13.31 9.08
N PRO A 139 -3.25 14.62 8.84
CA PRO A 139 -4.32 15.52 8.43
C PRO A 139 -4.81 15.24 7.01
N ASN A 140 -3.86 15.02 6.11
CA ASN A 140 -4.20 14.73 4.71
C ASN A 140 -4.89 13.37 4.58
N GLU A 141 -6.21 13.40 4.51
CA GLU A 141 -7.00 12.17 4.38
C GLU A 141 -6.51 11.34 3.21
N GLN A 142 -6.10 12.01 2.14
CA GLN A 142 -5.60 11.32 0.95
C GLN A 142 -4.51 10.33 1.31
N ILE A 143 -3.55 10.77 2.12
CA ILE A 143 -2.45 9.92 2.53
C ILE A 143 -2.91 8.89 3.56
N LEU A 144 -3.85 9.28 4.41
CA LEU A 144 -4.38 8.40 5.44
C LEU A 144 -5.04 7.17 4.81
N GLN A 145 -5.79 7.39 3.74
CA GLN A 145 -6.48 6.31 3.04
C GLN A 145 -5.48 5.26 2.55
N GLU A 146 -4.60 5.68 1.64
CA GLU A 146 -3.59 4.78 1.09
C GLU A 146 -2.80 4.09 2.20
N ALA A 147 -2.62 4.79 3.31
CA ALA A 147 -1.89 4.25 4.45
C ALA A 147 -2.57 2.99 4.98
N LEU A 148 -3.88 2.92 4.83
CA LEU A 148 -4.65 1.77 5.29
C LEU A 148 -4.42 0.56 4.38
N TRP A 149 -4.27 0.83 3.09
CA TRP A 149 -4.05 -0.24 2.12
C TRP A 149 -2.90 -1.14 2.55
N ALA A 150 -1.74 -0.54 2.79
CA ALA A 150 -0.56 -1.29 3.22
C ALA A 150 -0.85 -2.10 4.48
N LEU A 151 -1.23 -1.41 5.55
CA LEU A 151 -1.54 -2.07 6.81
C LEU A 151 -2.50 -3.23 6.60
N SER A 152 -3.67 -2.92 6.05
CA SER A 152 -4.69 -3.94 5.80
C SER A 152 -4.09 -5.11 5.01
N ASN A 153 -3.48 -4.79 3.87
CA ASN A 153 -2.89 -5.81 3.01
C ASN A 153 -1.94 -6.70 3.81
N ILE A 154 -1.14 -6.08 4.67
CA ILE A 154 -0.20 -6.82 5.50
C ILE A 154 -0.91 -7.80 6.42
N ALA A 155 -2.10 -7.43 6.87
CA ALA A 155 -2.90 -8.28 7.75
C ALA A 155 -3.98 -9.02 6.97
N SER A 156 -3.64 -9.44 5.76
CA SER A 156 -4.58 -10.16 4.91
C SER A 156 -4.08 -11.56 4.59
N GLY A 157 -3.60 -12.25 5.63
CA GLY A 157 -3.09 -13.60 5.44
C GLY A 157 -3.17 -14.42 6.71
N GLY A 158 -2.26 -15.39 6.85
CA GLY A 158 -2.26 -16.24 8.02
C GLY A 158 -2.25 -15.45 9.32
N ASN A 159 -2.54 -16.12 10.43
CA ASN A 159 -2.56 -15.47 11.73
C ASN A 159 -1.26 -14.73 11.99
N GLU A 160 -0.14 -15.43 11.83
CA GLU A 160 1.18 -14.84 12.05
C GLU A 160 1.29 -13.50 11.33
N GLN A 161 0.97 -13.50 10.04
CA GLN A 161 1.05 -12.29 9.23
C GLN A 161 0.30 -11.13 9.91
N ILE A 162 -0.90 -11.42 10.39
CA ILE A 162 -1.72 -10.40 11.06
C ILE A 162 -1.02 -9.88 12.31
N GLN A 163 -0.17 -10.72 12.90
CA GLN A 163 0.56 -10.35 14.11
C GLN A 163 1.50 -9.19 13.83
N ALA A 164 2.17 -9.23 12.68
CA ALA A 164 3.10 -8.18 12.29
C ALA A 164 2.47 -6.81 12.42
N VAL A 165 1.16 -6.73 12.16
CA VAL A 165 0.44 -5.47 12.26
C VAL A 165 0.09 -5.14 13.70
N ILE A 166 -0.19 -6.17 14.48
CA ILE A 166 -0.54 -6.00 15.90
C ILE A 166 0.67 -5.53 16.71
N ASP A 167 1.80 -6.20 16.51
CA ASP A 167 3.03 -5.86 17.21
C ASP A 167 3.44 -4.41 16.92
N ALA A 168 3.19 -3.98 15.69
CA ALA A 168 3.54 -2.62 15.29
C ALA A 168 2.78 -1.59 16.11
N GLY A 169 1.53 -1.92 16.46
CA GLY A 169 0.72 -1.01 17.24
C GLY A 169 -0.52 -0.55 16.48
N ALA A 170 -1.02 -1.39 15.60
CA ALA A 170 -2.20 -1.06 14.80
C ALA A 170 -3.48 -1.25 15.62
N LEU A 171 -3.41 -2.14 16.60
CA LEU A 171 -4.56 -2.42 17.46
C LEU A 171 -5.19 -1.11 17.96
N PRO A 172 -4.39 -0.29 18.64
CA PRO A 172 -4.84 0.99 19.19
C PRO A 172 -5.12 2.02 18.08
N ALA A 173 -4.21 2.10 17.11
CA ALA A 173 -4.37 3.03 16.01
C ALA A 173 -5.75 2.92 15.38
N LEU A 174 -6.17 1.69 15.11
CA LEU A 174 -7.48 1.44 14.51
C LEU A 174 -8.60 1.85 15.45
N VAL A 175 -8.40 1.59 16.74
CA VAL A 175 -9.40 1.92 17.75
C VAL A 175 -9.67 3.42 17.78
N GLN A 176 -8.63 4.22 17.56
CA GLN A 176 -8.75 5.67 17.55
C GLN A 176 -9.38 6.15 16.24
N LEU A 177 -8.75 5.83 15.13
CA LEU A 177 -9.25 6.23 13.82
C LEU A 177 -10.72 5.85 13.66
N LEU A 178 -11.11 4.73 14.26
CA LEU A 178 -12.49 4.26 14.18
C LEU A 178 -13.46 5.38 14.53
N SER A 179 -13.08 6.21 15.49
CA SER A 179 -13.91 7.32 15.94
C SER A 179 -13.75 8.52 15.02
N SER A 180 -14.35 8.44 13.82
CA SER A 180 -14.26 9.52 12.85
C SER A 180 -15.60 9.75 12.17
N PRO A 181 -15.98 11.03 12.01
CA PRO A 181 -17.24 11.41 11.37
C PRO A 181 -17.25 11.11 9.88
N ASN A 182 -16.11 10.70 9.35
CA ASN A 182 -15.99 10.38 7.93
C ASN A 182 -16.44 8.95 7.66
N GLU A 183 -17.23 8.77 6.60
CA GLU A 183 -17.73 7.44 6.23
C GLU A 183 -16.63 6.63 5.56
N GLN A 184 -15.79 7.29 4.78
CA GLN A 184 -14.70 6.61 4.09
C GLN A 184 -13.74 5.96 5.07
N ILE A 185 -13.53 6.62 6.21
CA ILE A 185 -12.64 6.11 7.24
C ILE A 185 -13.35 5.10 8.15
N LEU A 186 -14.61 5.39 8.47
CA LEU A 186 -15.40 4.51 9.32
C LEU A 186 -15.42 3.09 8.77
N GLN A 187 -15.42 2.98 7.45
CA GLN A 187 -15.44 1.68 6.79
C GLN A 187 -14.03 1.11 6.67
N GLU A 188 -13.12 1.93 6.16
CA GLU A 188 -11.73 1.51 5.98
C GLU A 188 -11.17 0.91 7.27
N ALA A 189 -11.24 1.68 8.35
CA ALA A 189 -10.74 1.23 9.65
C ALA A 189 -11.30 -0.15 9.99
N LEU A 190 -12.62 -0.31 9.82
CA LEU A 190 -13.27 -1.57 10.12
C LEU A 190 -12.72 -2.70 9.26
N TRP A 191 -12.55 -2.42 7.97
CA TRP A 191 -12.02 -3.41 7.03
C TRP A 191 -10.73 -4.02 7.57
N ALA A 192 -9.96 -3.22 8.30
CA ALA A 192 -8.69 -3.68 8.87
C ALA A 192 -8.93 -4.55 10.10
N LEU A 193 -9.55 -3.96 11.12
CA LEU A 193 -9.83 -4.69 12.36
C LEU A 193 -10.53 -6.00 12.06
N SER A 194 -11.63 -5.94 11.31
CA SER A 194 -12.39 -7.13 10.97
C SER A 194 -11.46 -8.22 10.42
N ASN A 195 -10.45 -7.82 9.67
CA ASN A 195 -9.50 -8.76 9.10
C ASN A 195 -8.55 -9.30 10.17
N ILE A 196 -8.18 -8.44 11.12
CA ILE A 196 -7.28 -8.83 12.19
C ILE A 196 -7.99 -9.73 13.20
N ALA A 197 -9.29 -9.56 13.34
CA ALA A 197 -10.08 -10.36 14.25
C ALA A 197 -10.68 -11.57 13.55
N SER A 198 -9.95 -12.10 12.56
CA SER A 198 -10.42 -13.25 11.81
C SER A 198 -9.41 -14.39 11.90
N GLY A 199 -8.73 -14.49 13.04
CA GLY A 199 -7.74 -15.54 13.23
C GLY A 199 -8.18 -16.55 14.28
N GLY A 200 -7.26 -16.91 15.16
CA GLY A 200 -7.57 -17.88 16.21
C GLY A 200 -7.82 -17.21 17.55
N ASN A 201 -7.93 -18.02 18.60
CA ASN A 201 -8.17 -17.51 19.94
C ASN A 201 -7.13 -16.46 20.31
N GLU A 202 -5.90 -16.65 19.87
CA GLU A 202 -4.83 -15.72 20.15
C GLU A 202 -5.01 -14.42 19.37
N GLN A 203 -5.53 -14.54 18.15
CA GLN A 203 -5.75 -13.37 17.30
C GLN A 203 -6.95 -12.56 17.81
N LYS A 204 -8.00 -13.26 18.21
CA LYS A 204 -9.21 -12.60 18.71
C LYS A 204 -8.92 -11.80 19.96
N GLN A 205 -8.34 -12.46 20.96
CA GLN A 205 -8.01 -11.81 22.22
C GLN A 205 -7.20 -10.54 21.98
N ALA A 206 -6.32 -10.59 20.98
CA ALA A 206 -5.48 -9.45 20.64
C ALA A 206 -6.33 -8.25 20.23
N VAL A 207 -7.46 -8.52 19.59
CA VAL A 207 -8.37 -7.47 19.15
C VAL A 207 -9.10 -6.84 20.32
N LYS A 208 -9.53 -7.68 21.27
CA LYS A 208 -10.24 -7.22 22.44
C LYS A 208 -9.45 -6.14 23.17
N GLU A 209 -8.13 -6.28 23.17
CA GLU A 209 -7.26 -5.31 23.83
C GLU A 209 -7.32 -3.96 23.15
N ALA A 210 -7.52 -3.98 21.83
CA ALA A 210 -7.61 -2.74 21.06
C ALA A 210 -8.68 -1.82 21.62
N GLY A 211 -9.94 -2.15 21.34
CA GLY A 211 -11.04 -1.34 21.82
C GLY A 211 -12.21 -1.32 20.86
N ALA A 212 -12.03 -1.92 19.69
CA ALA A 212 -13.07 -1.97 18.68
C ALA A 212 -14.36 -2.56 19.25
N LEU A 213 -14.23 -3.29 20.36
CA LEU A 213 -15.38 -3.91 21.00
C LEU A 213 -16.56 -2.94 21.06
N GLU A 214 -16.26 -1.66 21.19
CA GLU A 214 -17.29 -0.63 21.26
C GLU A 214 -17.67 -0.14 19.86
N LYS A 215 -16.67 0.29 19.09
CA LYS A 215 -16.90 0.78 17.74
C LYS A 215 -17.74 -0.21 16.94
N LEU A 216 -17.57 -1.49 17.22
CA LEU A 216 -18.31 -2.54 16.53
C LEU A 216 -19.74 -2.64 17.08
N GLU A 217 -19.88 -2.45 18.38
CA GLU A 217 -21.18 -2.53 19.03
C GLU A 217 -22.06 -1.33 18.64
N GLN A 218 -21.45 -0.16 18.57
CA GLN A 218 -22.17 1.05 18.20
C GLN A 218 -22.61 1.01 16.74
N LEU A 219 -21.78 0.41 15.90
CA LEU A 219 -22.08 0.29 14.48
C LEU A 219 -23.31 -0.57 14.25
N GLN A 220 -23.59 -1.45 15.20
CA GLN A 220 -24.75 -2.34 15.11
C GLN A 220 -26.00 -1.56 14.72
N SER A 221 -26.09 -0.32 15.18
CA SER A 221 -27.24 0.53 14.89
C SER A 221 -26.87 1.62 13.89
N HIS A 222 -26.12 1.23 12.86
CA HIS A 222 -25.71 2.17 11.82
C HIS A 222 -26.75 2.24 10.70
N GLU A 223 -26.74 3.35 9.97
CA GLU A 223 -27.69 3.54 8.87
C GLU A 223 -27.44 2.52 7.77
N ASN A 224 -26.22 2.49 7.25
CA ASN A 224 -25.85 1.57 6.19
C ASN A 224 -26.23 0.14 6.57
N GLU A 225 -26.77 -0.59 5.59
CA GLU A 225 -27.18 -1.98 5.82
C GLU A 225 -25.97 -2.91 5.82
N LYS A 226 -25.15 -2.79 4.78
CA LYS A 226 -23.96 -3.63 4.65
C LYS A 226 -23.07 -3.50 5.88
N ILE A 227 -22.79 -2.27 6.28
CA ILE A 227 -21.95 -2.00 7.44
C ILE A 227 -22.55 -2.65 8.69
N GLN A 228 -23.87 -2.64 8.78
CA GLN A 228 -24.57 -3.22 9.93
C GLN A 228 -24.37 -4.73 9.98
N LYS A 229 -24.32 -5.35 8.81
CA LYS A 229 -24.13 -6.79 8.73
C LYS A 229 -22.70 -7.17 9.11
N GLU A 230 -21.73 -6.51 8.50
CA GLU A 230 -20.32 -6.78 8.77
C GLU A 230 -20.01 -6.62 10.26
N ALA A 231 -20.61 -5.59 10.86
CA ALA A 231 -20.40 -5.32 12.28
C ALA A 231 -20.92 -6.47 13.14
N GLN A 232 -22.12 -6.93 12.83
CA GLN A 232 -22.75 -8.02 13.57
C GLN A 232 -21.91 -9.30 13.44
N GLU A 233 -21.55 -9.65 12.21
CA GLU A 233 -20.76 -10.85 11.96
C GLU A 233 -19.39 -10.75 12.64
N ALA A 234 -18.83 -9.55 12.65
CA ALA A 234 -17.53 -9.33 13.26
C ALA A 234 -17.61 -9.44 14.78
N LEU A 235 -18.70 -8.95 15.35
CA LEU A 235 -18.90 -9.01 16.79
C LEU A 235 -19.03 -10.45 17.27
N GLU A 236 -19.92 -11.20 16.63
CA GLU A 236 -20.14 -12.60 16.98
C GLU A 236 -18.81 -13.37 17.03
N LYS A 237 -17.93 -13.04 16.10
CA LYS A 237 -16.62 -13.70 16.02
C LYS A 237 -15.83 -13.49 17.31
N LEU A 238 -15.96 -12.30 17.88
CA LEU A 238 -15.25 -11.96 19.12
C LEU A 238 -15.82 -12.76 20.29
N GLN A 239 -17.13 -12.99 20.28
CA GLN A 239 -17.78 -13.74 21.34
C GLN A 239 -17.89 -15.22 20.97
N PRO A 1 11.78 -5.76 -30.62
CA PRO A 1 11.15 -4.94 -29.59
C PRO A 1 12.01 -3.75 -29.20
N ASP A 2 11.36 -2.65 -28.81
CA ASP A 2 12.07 -1.45 -28.40
C ASP A 2 11.96 -1.24 -26.90
N LEU A 3 11.96 -2.33 -26.15
CA LEU A 3 11.86 -2.27 -24.70
C LEU A 3 13.13 -1.70 -24.08
N PRO A 4 14.26 -2.39 -24.31
CA PRO A 4 15.57 -1.98 -23.80
C PRO A 4 16.09 -0.72 -24.49
N LYS A 5 15.94 -0.68 -25.81
CA LYS A 5 16.39 0.48 -26.59
C LYS A 5 15.75 1.76 -26.09
N LEU A 6 14.59 1.63 -25.45
CA LEU A 6 13.88 2.78 -24.92
C LEU A 6 14.46 3.22 -23.58
N VAL A 7 15.13 2.29 -22.90
CA VAL A 7 15.74 2.60 -21.62
C VAL A 7 17.01 3.42 -21.78
N LYS A 8 17.73 3.18 -22.87
CA LYS A 8 18.96 3.91 -23.16
C LYS A 8 18.75 5.41 -23.03
N LEU A 9 17.51 5.84 -23.21
CA LEU A 9 17.17 7.26 -23.11
C LEU A 9 17.14 7.72 -21.65
N LEU A 10 16.42 6.98 -20.82
CA LEU A 10 16.31 7.31 -19.40
C LEU A 10 17.69 7.56 -18.80
N LYS A 11 18.69 6.88 -19.33
CA LYS A 11 20.06 7.05 -18.85
C LYS A 11 20.44 8.52 -18.75
N SER A 12 20.57 9.17 -19.89
CA SER A 12 20.92 10.59 -19.92
C SER A 12 20.58 11.20 -21.28
N SER A 13 21.39 12.17 -21.70
CA SER A 13 21.17 12.84 -22.98
C SER A 13 20.12 13.93 -22.84
N ASN A 14 19.94 14.72 -23.90
CA ASN A 14 18.97 15.80 -23.89
C ASN A 14 17.61 15.31 -23.39
N GLU A 15 16.77 16.25 -22.97
CA GLU A 15 15.44 15.91 -22.46
C GLU A 15 14.53 15.43 -23.59
N GLU A 16 14.75 15.97 -24.79
CA GLU A 16 13.94 15.60 -25.95
C GLU A 16 13.86 14.08 -26.08
N ILE A 17 14.93 13.39 -25.67
CA ILE A 17 14.96 11.94 -25.76
C ILE A 17 14.57 11.31 -24.43
N LEU A 18 14.95 11.96 -23.33
CA LEU A 18 14.63 11.47 -21.99
C LEU A 18 13.12 11.52 -21.74
N LEU A 19 12.56 12.72 -21.77
CA LEU A 19 11.13 12.90 -21.55
C LEU A 19 10.31 11.96 -22.43
N LYS A 20 10.70 11.87 -23.70
CA LYS A 20 10.01 11.01 -24.64
C LYS A 20 9.93 9.57 -24.12
N ALA A 21 10.99 9.15 -23.42
CA ALA A 21 11.03 7.80 -22.86
C ALA A 21 10.69 7.81 -21.38
N LEU A 22 10.19 8.95 -20.89
CA LEU A 22 9.83 9.09 -19.49
C LEU A 22 8.31 9.04 -19.31
N ARG A 23 7.62 8.53 -20.32
CA ARG A 23 6.17 8.43 -20.28
C ARG A 23 5.68 7.16 -20.96
N ALA A 24 6.30 6.84 -22.10
CA ALA A 24 5.93 5.65 -22.85
C ALA A 24 5.92 4.42 -21.95
N LEU A 25 7.03 4.18 -21.27
CA LEU A 25 7.15 3.03 -20.37
C LEU A 25 5.88 2.86 -19.55
N ALA A 26 5.30 3.97 -19.11
CA ALA A 26 4.08 3.93 -18.32
C ALA A 26 2.99 3.12 -19.02
N GLU A 27 2.73 3.46 -20.27
CA GLU A 27 1.71 2.76 -21.05
C GLU A 27 2.13 1.32 -21.33
N ILE A 28 3.43 1.13 -21.55
CA ILE A 28 3.96 -0.21 -21.83
C ILE A 28 3.84 -1.12 -20.61
N ALA A 29 3.93 -0.53 -19.43
CA ALA A 29 3.82 -1.28 -18.19
C ALA A 29 2.40 -1.80 -17.97
N SER A 30 1.42 -0.95 -18.27
CA SER A 30 0.02 -1.31 -18.11
C SER A 30 -0.54 -1.89 -19.41
N GLY A 31 0.23 -2.76 -20.04
CA GLY A 31 -0.20 -3.38 -21.28
C GLY A 31 -0.34 -4.88 -21.16
N GLY A 32 -0.65 -5.35 -19.96
CA GLY A 32 -0.80 -6.78 -19.75
C GLY A 32 0.25 -7.34 -18.83
N ASN A 33 -0.14 -8.30 -17.99
CA ASN A 33 0.79 -8.92 -17.06
C ASN A 33 2.02 -9.45 -17.78
N GLU A 34 1.79 -10.14 -18.89
CA GLU A 34 2.90 -10.70 -19.68
C GLU A 34 3.93 -9.63 -20.02
N GLN A 35 3.45 -8.40 -20.24
CA GLN A 35 4.34 -7.29 -20.57
C GLN A 35 5.06 -6.79 -19.32
N ILE A 36 4.45 -6.97 -18.16
CA ILE A 36 5.04 -6.54 -16.90
C ILE A 36 6.34 -7.29 -16.63
N GLN A 37 6.42 -8.53 -17.08
CA GLN A 37 7.60 -9.34 -16.89
C GLN A 37 8.77 -8.83 -17.73
N ALA A 38 8.44 -8.31 -18.91
CA ALA A 38 9.46 -7.79 -19.81
C ALA A 38 10.07 -6.49 -19.27
N VAL A 39 9.21 -5.61 -18.77
CA VAL A 39 9.66 -4.34 -18.22
C VAL A 39 10.75 -4.55 -17.17
N ILE A 40 10.59 -5.61 -16.37
CA ILE A 40 11.56 -5.92 -15.32
C ILE A 40 12.97 -6.07 -15.91
N ASP A 41 13.21 -7.19 -16.58
CA ASP A 41 14.50 -7.45 -17.19
C ASP A 41 14.89 -6.33 -18.15
N ALA A 42 13.89 -5.71 -18.77
CA ALA A 42 14.13 -4.62 -19.71
C ALA A 42 15.03 -3.56 -19.09
N GLY A 43 14.92 -3.39 -17.78
CA GLY A 43 15.73 -2.40 -17.09
C GLY A 43 15.03 -1.06 -16.96
N ALA A 44 13.85 -1.08 -16.35
CA ALA A 44 13.08 0.15 -16.16
C ALA A 44 12.80 0.41 -14.68
N LEU A 45 12.76 -0.67 -13.90
CA LEU A 45 12.50 -0.57 -12.47
C LEU A 45 13.38 0.50 -11.83
N PRO A 46 14.71 0.34 -11.96
CA PRO A 46 15.68 1.28 -11.41
C PRO A 46 15.67 2.62 -12.14
N ALA A 47 15.40 2.56 -13.45
CA ALA A 47 15.37 3.77 -14.26
C ALA A 47 14.37 4.79 -13.71
N LEU A 48 13.16 4.32 -13.42
CA LEU A 48 12.12 5.20 -12.89
C LEU A 48 12.46 5.64 -11.47
N VAL A 49 12.95 4.70 -10.66
CA VAL A 49 13.31 4.99 -9.28
C VAL A 49 14.16 6.25 -9.19
N GLN A 50 15.23 6.30 -9.98
CA GLN A 50 16.12 7.45 -10.00
C GLN A 50 15.34 8.74 -10.23
N LEU A 51 14.26 8.64 -11.00
CA LEU A 51 13.43 9.80 -11.30
C LEU A 51 12.72 10.30 -10.05
N LEU A 52 12.48 9.40 -9.11
CA LEU A 52 11.81 9.75 -7.86
C LEU A 52 12.48 10.95 -7.20
N SER A 53 13.79 11.07 -7.39
CA SER A 53 14.55 12.18 -6.82
C SER A 53 15.00 13.16 -7.90
N SER A 54 14.04 13.66 -8.67
CA SER A 54 14.34 14.60 -9.74
C SER A 54 13.74 15.97 -9.45
N PRO A 55 14.36 17.03 -9.99
CA PRO A 55 13.91 18.40 -9.81
C PRO A 55 12.60 18.69 -10.52
N ASN A 56 12.52 18.28 -11.78
CA ASN A 56 11.32 18.50 -12.58
C ASN A 56 10.13 17.74 -11.99
N GLU A 57 9.07 18.47 -11.67
CA GLU A 57 7.88 17.87 -11.09
C GLU A 57 7.14 17.02 -12.13
N GLN A 58 6.93 17.59 -13.31
CA GLN A 58 6.25 16.89 -14.38
C GLN A 58 6.89 15.52 -14.64
N ILE A 59 8.18 15.43 -14.40
CA ILE A 59 8.91 14.18 -14.61
C ILE A 59 8.63 13.20 -13.47
N LEU A 60 8.43 13.73 -12.27
CA LEU A 60 8.15 12.90 -11.10
C LEU A 60 6.74 12.33 -11.16
N GLN A 61 5.77 13.19 -11.44
CA GLN A 61 4.37 12.75 -11.53
C GLN A 61 4.21 11.64 -12.54
N GLU A 62 5.13 11.58 -13.50
CA GLU A 62 5.09 10.55 -14.54
C GLU A 62 5.82 9.29 -14.09
N ALA A 63 6.99 9.48 -13.48
CA ALA A 63 7.79 8.36 -13.00
C ALA A 63 6.99 7.46 -12.06
N LEU A 64 6.16 8.08 -11.22
CA LEU A 64 5.33 7.34 -10.27
C LEU A 64 4.22 6.59 -11.00
N TRP A 65 3.61 7.25 -11.98
CA TRP A 65 2.53 6.64 -12.74
C TRP A 65 2.99 5.34 -13.39
N ALA A 66 4.15 5.38 -14.04
CA ALA A 66 4.70 4.21 -14.70
C ALA A 66 5.06 3.13 -13.69
N LEU A 67 5.80 3.53 -12.66
CA LEU A 67 6.22 2.59 -11.62
C LEU A 67 5.02 1.92 -10.97
N SER A 68 3.96 2.70 -10.76
CA SER A 68 2.75 2.18 -10.14
C SER A 68 2.20 1.00 -10.93
N ASN A 69 2.17 1.15 -12.24
CA ASN A 69 1.66 0.09 -13.12
C ASN A 69 2.33 -1.24 -12.80
N ILE A 70 3.65 -1.25 -12.80
CA ILE A 70 4.41 -2.47 -12.51
C ILE A 70 4.00 -3.05 -11.16
N ALA A 71 3.71 -2.17 -10.21
CA ALA A 71 3.31 -2.61 -8.88
C ALA A 71 2.03 -3.44 -8.92
N SER A 72 1.21 -3.19 -9.93
CA SER A 72 -0.05 -3.91 -10.10
C SER A 72 0.14 -5.13 -10.98
N GLY A 73 1.29 -5.77 -10.86
CA GLY A 73 1.58 -6.96 -11.66
C GLY A 73 1.54 -8.23 -10.84
N GLY A 74 1.81 -9.36 -11.50
CA GLY A 74 1.80 -10.63 -10.81
C GLY A 74 2.73 -10.66 -9.62
N ASN A 75 2.50 -11.61 -8.71
CA ASN A 75 3.33 -11.73 -7.52
C ASN A 75 4.81 -11.79 -7.89
N GLU A 76 5.16 -12.70 -8.80
CA GLU A 76 6.54 -12.84 -9.23
C GLU A 76 7.13 -11.51 -9.66
N GLN A 77 6.34 -10.73 -10.38
CA GLN A 77 6.78 -9.42 -10.86
C GLN A 77 7.01 -8.47 -9.68
N ILE A 78 6.14 -8.55 -8.68
CA ILE A 78 6.25 -7.70 -7.51
C ILE A 78 7.60 -7.88 -6.83
N GLN A 79 8.11 -9.12 -6.84
CA GLN A 79 9.39 -9.42 -6.22
C GLN A 79 10.51 -8.63 -6.88
N ALA A 80 10.47 -8.54 -8.20
CA ALA A 80 11.49 -7.81 -8.95
C ALA A 80 11.68 -6.40 -8.39
N VAL A 81 10.58 -5.71 -8.14
CA VAL A 81 10.63 -4.36 -7.60
C VAL A 81 11.35 -4.33 -6.27
N ILE A 82 11.19 -5.38 -5.47
CA ILE A 82 11.83 -5.48 -4.18
C ILE A 82 13.32 -5.82 -4.32
N ASP A 83 13.64 -6.61 -5.33
CA ASP A 83 15.02 -7.01 -5.59
C ASP A 83 15.67 -6.08 -6.60
N ALA A 84 15.15 -4.86 -6.71
CA ALA A 84 15.69 -3.89 -7.65
C ALA A 84 16.20 -2.65 -6.92
N GLY A 85 15.66 -2.41 -5.72
CA GLY A 85 16.08 -1.27 -4.93
C GLY A 85 15.03 -0.17 -4.90
N ALA A 86 13.80 -0.53 -5.25
CA ALA A 86 12.71 0.43 -5.26
C ALA A 86 11.87 0.32 -3.98
N LEU A 87 12.42 -0.33 -2.97
CA LEU A 87 11.74 -0.50 -1.70
C LEU A 87 11.84 0.75 -0.85
N PRO A 88 13.07 1.09 -0.44
CA PRO A 88 13.32 2.28 0.38
C PRO A 88 13.12 3.58 -0.39
N ALA A 89 13.63 3.62 -1.61
CA ALA A 89 13.50 4.80 -2.46
C ALA A 89 12.06 5.31 -2.47
N LEU A 90 11.11 4.39 -2.39
CA LEU A 90 9.69 4.75 -2.38
C LEU A 90 9.29 5.31 -1.03
N VAL A 91 9.79 4.69 0.04
CA VAL A 91 9.47 5.13 1.39
C VAL A 91 9.73 6.62 1.57
N GLN A 92 10.79 7.11 0.93
CA GLN A 92 11.16 8.52 1.02
C GLN A 92 10.04 9.40 0.46
N LEU A 93 9.37 8.92 -0.58
CA LEU A 93 8.28 9.67 -1.19
C LEU A 93 7.14 9.88 -0.21
N LEU A 94 6.93 8.91 0.67
CA LEU A 94 5.88 9.00 1.67
C LEU A 94 6.01 10.28 2.50
N SER A 95 7.25 10.72 2.70
CA SER A 95 7.51 11.93 3.47
C SER A 95 8.00 13.05 2.57
N SER A 96 7.16 13.44 1.61
CA SER A 96 7.51 14.50 0.67
C SER A 96 6.57 15.68 0.82
N PRO A 97 7.04 16.87 0.39
CA PRO A 97 6.25 18.11 0.46
C PRO A 97 5.07 18.10 -0.51
N ASN A 98 5.29 17.55 -1.70
CA ASN A 98 4.25 17.47 -2.72
C ASN A 98 3.13 16.54 -2.29
N GLU A 99 1.89 16.92 -2.61
CA GLU A 99 0.73 16.11 -2.25
C GLU A 99 0.54 14.96 -3.25
N GLN A 100 0.73 15.27 -4.53
CA GLN A 100 0.57 14.26 -5.59
C GLN A 100 1.61 13.16 -5.43
N ILE A 101 2.88 13.55 -5.30
CA ILE A 101 3.96 12.60 -5.15
C ILE A 101 3.69 11.63 -4.01
N LEU A 102 3.20 12.16 -2.90
CA LEU A 102 2.89 11.33 -1.72
C LEU A 102 1.76 10.36 -2.03
N GLN A 103 0.68 10.87 -2.61
CA GLN A 103 -0.47 10.04 -2.95
C GLN A 103 -0.05 8.89 -3.86
N GLU A 104 0.68 9.22 -4.93
CA GLU A 104 1.13 8.21 -5.87
C GLU A 104 2.08 7.21 -5.20
N ALA A 105 2.97 7.73 -4.37
CA ALA A 105 3.93 6.88 -3.66
C ALA A 105 3.21 5.79 -2.86
N LEU A 106 2.17 6.19 -2.14
CA LEU A 106 1.40 5.24 -1.34
C LEU A 106 0.73 4.18 -2.22
N TRP A 107 0.22 4.61 -3.36
CA TRP A 107 -0.43 3.70 -4.30
C TRP A 107 0.53 2.60 -4.74
N ALA A 108 1.74 2.99 -5.12
CA ALA A 108 2.74 2.04 -5.57
C ALA A 108 3.16 1.11 -4.44
N LEU A 109 3.51 1.69 -3.30
CA LEU A 109 3.93 0.91 -2.13
C LEU A 109 2.84 -0.06 -1.71
N SER A 110 1.60 0.41 -1.70
CA SER A 110 0.46 -0.41 -1.31
C SER A 110 0.33 -1.62 -2.23
N ASN A 111 0.46 -1.37 -3.53
CA ASN A 111 0.34 -2.44 -4.52
C ASN A 111 1.27 -3.60 -4.16
N ILE A 112 2.56 -3.32 -4.01
CA ILE A 112 3.54 -4.34 -3.68
C ILE A 112 3.17 -5.03 -2.37
N ALA A 113 2.78 -4.24 -1.37
CA ALA A 113 2.40 -4.78 -0.07
C ALA A 113 1.37 -5.90 -0.22
N SER A 114 0.52 -5.79 -1.22
CA SER A 114 -0.51 -6.78 -1.46
C SER A 114 0.03 -7.93 -2.31
N GLY A 115 1.16 -8.49 -1.89
CA GLY A 115 1.77 -9.59 -2.61
C GLY A 115 1.35 -10.94 -2.07
N GLY A 116 2.26 -11.91 -2.15
CA GLY A 116 1.97 -13.24 -1.65
C GLY A 116 2.41 -13.45 -0.22
N ASN A 117 2.17 -14.65 0.31
CA ASN A 117 2.55 -14.97 1.68
C ASN A 117 4.03 -14.69 1.91
N GLU A 118 4.88 -15.42 1.18
CA GLU A 118 6.32 -15.25 1.31
C GLU A 118 6.72 -13.79 1.13
N GLN A 119 6.01 -13.08 0.26
CA GLN A 119 6.29 -11.68 0.00
C GLN A 119 6.01 -10.83 1.23
N ILE A 120 4.88 -11.09 1.87
CA ILE A 120 4.49 -10.35 3.07
C ILE A 120 5.62 -10.34 4.10
N GLN A 121 6.12 -11.52 4.44
CA GLN A 121 7.19 -11.64 5.41
C GLN A 121 8.37 -10.75 5.03
N ALA A 122 8.65 -10.65 3.73
CA ALA A 122 9.75 -9.83 3.24
C ALA A 122 9.49 -8.35 3.53
N VAL A 123 8.23 -7.94 3.43
CA VAL A 123 7.86 -6.56 3.68
C VAL A 123 8.12 -6.17 5.13
N ILE A 124 7.74 -7.05 6.06
CA ILE A 124 7.94 -6.79 7.47
C ILE A 124 9.42 -6.60 7.80
N ASP A 125 10.27 -7.40 7.15
CA ASP A 125 11.71 -7.32 7.37
C ASP A 125 12.24 -5.94 6.97
N ALA A 126 11.72 -5.42 5.85
CA ALA A 126 12.14 -4.12 5.36
C ALA A 126 12.04 -3.06 6.45
N GLY A 127 11.04 -3.19 7.31
CA GLY A 127 10.85 -2.23 8.38
C GLY A 127 9.76 -1.22 8.07
N ALA A 128 8.74 -1.66 7.35
CA ALA A 128 7.63 -0.78 7.00
C ALA A 128 6.41 -1.06 7.86
N LEU A 129 6.62 -1.77 8.96
CA LEU A 129 5.54 -2.11 9.88
C LEU A 129 5.08 -0.89 10.66
N PRO A 130 6.00 -0.31 11.45
CA PRO A 130 5.72 0.87 12.26
C PRO A 130 5.51 2.13 11.40
N ALA A 131 6.38 2.30 10.41
CA ALA A 131 6.29 3.45 9.52
C ALA A 131 4.87 3.62 8.97
N LEU A 132 4.20 2.51 8.74
CA LEU A 132 2.84 2.53 8.21
C LEU A 132 1.84 2.92 9.30
N VAL A 133 2.12 2.51 10.53
CA VAL A 133 1.25 2.82 11.66
C VAL A 133 1.04 4.32 11.79
N GLN A 134 2.13 5.07 11.73
CA GLN A 134 2.07 6.53 11.83
C GLN A 134 1.14 7.11 10.79
N LEU A 135 1.18 6.55 9.59
CA LEU A 135 0.32 7.01 8.50
C LEU A 135 -1.16 6.94 8.88
N LEU A 136 -1.50 5.94 9.67
CA LEU A 136 -2.88 5.75 10.13
C LEU A 136 -3.43 7.04 10.73
N SER A 137 -2.57 7.80 11.39
CA SER A 137 -2.97 9.05 12.00
C SER A 137 -2.31 10.24 11.32
N SER A 138 -2.52 10.35 10.01
CA SER A 138 -1.94 11.44 9.23
C SER A 138 -2.95 12.56 9.03
N PRO A 139 -2.45 13.76 8.70
CA PRO A 139 -3.29 14.94 8.47
C PRO A 139 -4.11 14.83 7.19
N ASN A 140 -3.54 14.18 6.18
CA ASN A 140 -4.22 14.00 4.91
C ASN A 140 -5.00 12.69 4.88
N GLU A 141 -6.33 12.79 4.82
CA GLU A 141 -7.19 11.61 4.78
C GLU A 141 -6.81 10.70 3.62
N GLN A 142 -6.50 11.31 2.47
CA GLN A 142 -6.14 10.55 1.28
C GLN A 142 -5.04 9.55 1.59
N ILE A 143 -4.08 9.97 2.41
CA ILE A 143 -2.95 9.12 2.79
C ILE A 143 -3.40 8.03 3.75
N LEU A 144 -4.30 8.38 4.66
CA LEU A 144 -4.81 7.43 5.64
C LEU A 144 -5.38 6.20 4.96
N GLN A 145 -6.23 6.42 3.96
CA GLN A 145 -6.85 5.33 3.21
C GLN A 145 -5.80 4.35 2.71
N GLU A 146 -4.97 4.80 1.78
CA GLU A 146 -3.91 3.97 1.22
C GLU A 146 -3.06 3.35 2.31
N ALA A 147 -2.89 4.09 3.41
CA ALA A 147 -2.10 3.61 4.53
C ALA A 147 -2.70 2.35 5.14
N LEU A 148 -4.03 2.27 5.13
CA LEU A 148 -4.74 1.12 5.68
C LEU A 148 -4.53 -0.11 4.81
N TRP A 149 -4.42 0.11 3.49
CA TRP A 149 -4.23 -0.99 2.55
C TRP A 149 -2.95 -1.75 2.88
N ALA A 150 -1.84 -1.03 3.03
CA ALA A 150 -0.56 -1.64 3.35
C ALA A 150 -0.69 -2.58 4.54
N LEU A 151 -1.21 -2.06 5.65
CA LEU A 151 -1.38 -2.87 6.87
C LEU A 151 -2.35 -4.01 6.62
N SER A 152 -3.49 -3.70 6.03
CA SER A 152 -4.51 -4.70 5.75
C SER A 152 -3.92 -5.87 4.95
N ASN A 153 -3.12 -5.55 3.94
CA ASN A 153 -2.49 -6.57 3.12
C ASN A 153 -1.58 -7.47 3.95
N ILE A 154 -0.75 -6.84 4.77
CA ILE A 154 0.17 -7.59 5.64
C ILE A 154 -0.58 -8.58 6.51
N ALA A 155 -1.78 -8.20 6.94
CA ALA A 155 -2.60 -9.06 7.78
C ALA A 155 -3.78 -9.63 7.00
N SER A 156 -3.52 -10.66 6.21
CA SER A 156 -4.56 -11.30 5.41
C SER A 156 -4.38 -12.81 5.38
N GLY A 157 -3.13 -13.26 5.25
CA GLY A 157 -2.85 -14.68 5.21
C GLY A 157 -2.96 -15.33 6.57
N GLY A 158 -2.03 -16.22 6.89
CA GLY A 158 -2.06 -16.91 8.17
C GLY A 158 -2.17 -15.94 9.33
N ASN A 159 -2.60 -16.45 10.48
CA ASN A 159 -2.76 -15.64 11.67
C ASN A 159 -1.44 -14.98 12.07
N GLU A 160 -0.36 -15.75 11.99
CA GLU A 160 0.96 -15.25 12.34
C GLU A 160 1.23 -13.91 11.65
N GLN A 161 1.03 -13.87 10.34
CA GLN A 161 1.25 -12.65 9.57
C GLN A 161 0.51 -11.48 10.19
N ILE A 162 -0.74 -11.71 10.60
CA ILE A 162 -1.55 -10.67 11.21
C ILE A 162 -0.88 -10.11 12.47
N GLN A 163 -0.09 -10.95 13.13
CA GLN A 163 0.60 -10.54 14.34
C GLN A 163 1.54 -9.36 14.06
N ALA A 164 2.20 -9.41 12.90
CA ALA A 164 3.13 -8.35 12.52
C ALA A 164 2.47 -6.97 12.65
N VAL A 165 1.17 -6.91 12.37
CA VAL A 165 0.43 -5.66 12.46
C VAL A 165 0.10 -5.31 13.90
N ILE A 166 -0.20 -6.33 14.69
CA ILE A 166 -0.54 -6.14 16.10
C ILE A 166 0.65 -5.58 16.87
N ASP A 167 1.82 -6.17 16.67
CA ASP A 167 3.02 -5.72 17.35
C ASP A 167 3.31 -4.26 17.03
N ALA A 168 3.01 -3.85 15.81
CA ALA A 168 3.22 -2.47 15.38
C ALA A 168 2.44 -1.49 16.24
N GLY A 169 1.18 -1.81 16.48
CA GLY A 169 0.33 -0.95 17.29
C GLY A 169 -0.94 -0.54 16.58
N ALA A 170 -1.43 -1.40 15.71
CA ALA A 170 -2.64 -1.13 14.95
C ALA A 170 -3.89 -1.36 15.82
N LEU A 171 -3.78 -2.29 16.76
CA LEU A 171 -4.90 -2.61 17.64
C LEU A 171 -5.47 -1.34 18.26
N PRO A 172 -4.61 -0.59 18.96
CA PRO A 172 -5.01 0.67 19.62
C PRO A 172 -5.33 1.77 18.61
N ALA A 173 -4.45 1.94 17.62
CA ALA A 173 -4.63 2.96 16.60
C ALA A 173 -6.03 2.86 15.98
N LEU A 174 -6.46 1.65 15.68
CA LEU A 174 -7.77 1.43 15.08
C LEU A 174 -8.88 1.81 16.05
N VAL A 175 -8.67 1.51 17.33
CA VAL A 175 -9.66 1.82 18.36
C VAL A 175 -10.07 3.28 18.30
N GLN A 176 -9.15 4.13 17.86
CA GLN A 176 -9.41 5.56 17.75
C GLN A 176 -10.09 5.89 16.43
N LEU A 177 -9.44 5.51 15.33
CA LEU A 177 -9.98 5.77 14.00
C LEU A 177 -11.44 5.31 13.90
N LEU A 178 -11.75 4.22 14.58
CA LEU A 178 -13.11 3.67 14.57
C LEU A 178 -14.13 4.76 14.93
N SER A 179 -13.74 5.65 15.82
CA SER A 179 -14.62 6.74 16.24
C SER A 179 -14.38 7.99 15.41
N SER A 180 -14.86 7.98 14.17
CA SER A 180 -14.70 9.11 13.28
C SER A 180 -16.03 9.48 12.62
N PRO A 181 -16.23 10.79 12.41
CA PRO A 181 -17.46 11.30 11.78
C PRO A 181 -17.55 10.94 10.29
N ASN A 182 -16.39 10.85 9.65
CA ASN A 182 -16.34 10.51 8.23
C ASN A 182 -16.85 9.09 7.99
N GLU A 183 -17.70 8.94 6.99
CA GLU A 183 -18.27 7.63 6.65
C GLU A 183 -17.21 6.76 5.96
N GLN A 184 -16.37 7.39 5.15
CA GLN A 184 -15.33 6.67 4.43
C GLN A 184 -14.33 6.04 5.40
N ILE A 185 -14.10 6.70 6.53
CA ILE A 185 -13.18 6.20 7.54
C ILE A 185 -13.85 5.18 8.44
N LEU A 186 -15.12 5.39 8.73
CA LEU A 186 -15.89 4.49 9.58
C LEU A 186 -15.97 3.10 8.96
N GLN A 187 -16.04 3.06 7.63
CA GLN A 187 -16.12 1.78 6.92
C GLN A 187 -14.75 1.14 6.78
N GLU A 188 -13.80 1.91 6.26
CA GLU A 188 -12.43 1.42 6.06
C GLU A 188 -11.90 0.81 7.36
N ALA A 189 -11.99 1.57 8.44
CA ALA A 189 -11.51 1.12 9.74
C ALA A 189 -12.04 -0.28 10.06
N LEU A 190 -13.35 -0.40 10.15
CA LEU A 190 -13.98 -1.69 10.46
C LEU A 190 -13.47 -2.78 9.52
N TRP A 191 -13.40 -2.46 8.23
CA TRP A 191 -12.92 -3.40 7.23
C TRP A 191 -11.57 -3.98 7.62
N ALA A 192 -10.75 -3.16 8.26
CA ALA A 192 -9.42 -3.59 8.69
C ALA A 192 -9.52 -4.57 9.87
N LEU A 193 -10.08 -4.09 10.98
CA LEU A 193 -10.22 -4.93 12.16
C LEU A 193 -10.88 -6.26 11.83
N SER A 194 -11.94 -6.19 11.02
CA SER A 194 -12.67 -7.40 10.62
C SER A 194 -11.71 -8.46 10.11
N ASN A 195 -10.70 -8.02 9.36
CA ASN A 195 -9.71 -8.94 8.81
C ASN A 195 -9.00 -9.72 9.92
N ILE A 196 -8.59 -9.01 10.96
CA ILE A 196 -7.91 -9.64 12.08
C ILE A 196 -8.87 -10.45 12.94
N ALA A 197 -10.11 -9.96 13.04
CA ALA A 197 -11.13 -10.65 13.82
C ALA A 197 -11.36 -12.06 13.31
N SER A 198 -11.08 -12.28 12.03
CA SER A 198 -11.26 -13.58 11.42
C SER A 198 -10.04 -14.48 11.67
N GLY A 199 -9.67 -14.60 12.94
CA GLY A 199 -8.52 -15.42 13.30
C GLY A 199 -8.89 -16.55 14.24
N GLY A 200 -7.92 -16.98 15.04
CA GLY A 200 -8.17 -18.06 15.98
C GLY A 200 -8.53 -17.54 17.36
N ASN A 201 -8.39 -18.40 18.37
CA ASN A 201 -8.71 -18.03 19.74
C ASN A 201 -7.68 -17.05 20.30
N GLU A 202 -6.42 -17.47 20.30
CA GLU A 202 -5.33 -16.64 20.81
C GLU A 202 -5.37 -15.26 20.17
N GLN A 203 -5.82 -15.20 18.92
CA GLN A 203 -5.90 -13.93 18.19
C GLN A 203 -7.10 -13.11 18.67
N LYS A 204 -8.20 -13.81 18.93
CA LYS A 204 -9.43 -13.14 19.38
C LYS A 204 -9.19 -12.40 20.69
N GLN A 205 -8.69 -13.12 21.70
CA GLN A 205 -8.41 -12.52 23.00
C GLN A 205 -7.57 -11.27 22.85
N ALA A 206 -6.53 -11.35 22.02
CA ALA A 206 -5.64 -10.22 21.79
C ALA A 206 -6.41 -9.01 21.27
N VAL A 207 -7.53 -9.27 20.59
CA VAL A 207 -8.35 -8.20 20.04
C VAL A 207 -9.12 -7.47 21.14
N LYS A 208 -9.77 -8.23 22.00
CA LYS A 208 -10.53 -7.67 23.10
C LYS A 208 -9.69 -6.67 23.89
N GLU A 209 -8.44 -7.03 24.17
CA GLU A 209 -7.54 -6.18 24.91
C GLU A 209 -7.46 -4.79 24.28
N ALA A 210 -7.59 -4.74 22.95
CA ALA A 210 -7.55 -3.49 22.23
C ALA A 210 -8.83 -2.68 22.43
N GLY A 211 -9.95 -3.28 22.06
CA GLY A 211 -11.23 -2.61 22.20
C GLY A 211 -12.24 -3.04 21.15
N ALA A 212 -12.50 -2.16 20.19
CA ALA A 212 -13.44 -2.46 19.12
C ALA A 212 -14.74 -3.03 19.68
N LEU A 213 -15.13 -2.57 20.86
CA LEU A 213 -16.35 -3.05 21.51
C LEU A 213 -17.38 -1.92 21.61
N GLU A 214 -16.91 -0.74 21.99
CA GLU A 214 -17.80 0.42 22.13
C GLU A 214 -18.12 1.02 20.76
N LYS A 215 -17.14 0.98 19.86
CA LYS A 215 -17.32 1.53 18.52
C LYS A 215 -18.31 0.69 17.72
N LEU A 216 -18.19 -0.63 17.84
CA LEU A 216 -19.08 -1.54 17.13
C LEU A 216 -20.51 -1.41 17.63
N GLU A 217 -20.68 -1.43 18.94
CA GLU A 217 -22.00 -1.31 19.56
C GLU A 217 -22.74 -0.10 19.00
N GLN A 218 -22.03 1.02 18.87
CA GLN A 218 -22.62 2.24 18.35
C GLN A 218 -22.95 2.12 16.87
N LEU A 219 -22.11 1.40 16.14
CA LEU A 219 -22.30 1.19 14.71
C LEU A 219 -23.49 0.27 14.45
N GLN A 220 -23.79 -0.59 15.42
CA GLN A 220 -24.90 -1.52 15.31
C GLN A 220 -26.17 -0.81 14.84
N SER A 221 -26.32 0.45 15.27
CA SER A 221 -27.49 1.24 14.91
C SER A 221 -27.10 2.37 13.96
N HIS A 222 -26.25 2.05 12.99
CA HIS A 222 -25.80 3.03 12.01
C HIS A 222 -26.66 2.98 10.75
N GLU A 223 -26.89 4.14 10.15
CA GLU A 223 -27.69 4.22 8.94
C GLU A 223 -27.13 3.33 7.84
N ASN A 224 -25.85 3.52 7.52
CA ASN A 224 -25.19 2.73 6.50
C ASN A 224 -25.40 1.24 6.73
N GLU A 225 -25.85 0.53 5.70
CA GLU A 225 -26.09 -0.90 5.79
C GLU A 225 -24.78 -1.67 5.93
N LYS A 226 -23.85 -1.39 5.03
CA LYS A 226 -22.55 -2.05 5.04
C LYS A 226 -21.91 -1.95 6.41
N ILE A 227 -22.08 -0.81 7.07
CA ILE A 227 -21.52 -0.60 8.40
C ILE A 227 -22.32 -1.34 9.45
N GLN A 228 -23.64 -1.23 9.38
CA GLN A 228 -24.52 -1.90 10.33
C GLN A 228 -24.28 -3.41 10.33
N LYS A 229 -24.18 -3.99 9.15
CA LYS A 229 -23.95 -5.42 9.00
C LYS A 229 -22.54 -5.79 9.43
N GLU A 230 -21.56 -5.00 8.98
CA GLU A 230 -20.17 -5.24 9.32
C GLU A 230 -19.98 -5.32 10.83
N ALA A 231 -20.71 -4.47 11.56
CA ALA A 231 -20.61 -4.45 13.02
C ALA A 231 -21.36 -5.63 13.63
N GLN A 232 -22.52 -5.94 13.07
CA GLN A 232 -23.31 -7.06 13.58
C GLN A 232 -22.57 -8.38 13.43
N GLU A 233 -21.88 -8.54 12.30
CA GLU A 233 -21.13 -9.76 12.04
C GLU A 233 -19.81 -9.76 12.82
N ALA A 234 -19.20 -8.58 12.94
CA ALA A 234 -17.94 -8.45 13.65
C ALA A 234 -18.12 -8.74 15.14
N LEU A 235 -19.18 -8.21 15.72
CA LEU A 235 -19.46 -8.41 17.13
C LEU A 235 -19.64 -9.90 17.45
N GLU A 236 -20.53 -10.56 16.70
CA GLU A 236 -20.79 -11.97 16.89
C GLU A 236 -19.49 -12.77 16.87
N LYS A 237 -18.58 -12.38 15.98
CA LYS A 237 -17.29 -13.06 15.86
C LYS A 237 -16.48 -12.92 17.14
N LEU A 238 -16.57 -11.76 17.78
CA LEU A 238 -15.84 -11.50 19.02
C LEU A 238 -16.38 -12.37 20.16
N GLN A 239 -17.69 -12.61 20.15
CA GLN A 239 -18.31 -13.43 21.18
C GLN A 239 -18.34 -14.90 20.76
N PRO A 1 8.40 -0.96 -30.31
CA PRO A 1 8.91 -0.40 -29.06
C PRO A 1 9.90 -1.33 -28.36
N ASP A 2 11.17 -0.96 -28.37
CA ASP A 2 12.21 -1.77 -27.73
C ASP A 2 12.26 -1.51 -26.23
N LEU A 3 12.73 -2.50 -25.48
CA LEU A 3 12.83 -2.38 -24.03
C LEU A 3 14.20 -1.84 -23.63
N PRO A 4 15.26 -2.57 -23.98
CA PRO A 4 16.64 -2.19 -23.66
C PRO A 4 17.09 -0.98 -24.47
N LYS A 5 16.28 -0.56 -25.42
CA LYS A 5 16.59 0.58 -26.27
C LYS A 5 15.83 1.82 -25.80
N LEU A 6 14.82 1.62 -24.97
CA LEU A 6 14.02 2.72 -24.45
C LEU A 6 14.41 3.05 -23.01
N VAL A 7 14.93 2.05 -22.30
CA VAL A 7 15.34 2.24 -20.91
C VAL A 7 16.69 2.96 -20.84
N LYS A 8 17.56 2.68 -21.79
CA LYS A 8 18.89 3.29 -21.83
C LYS A 8 18.78 4.81 -21.69
N LEU A 9 17.65 5.36 -22.14
CA LEU A 9 17.42 6.80 -22.06
C LEU A 9 17.32 7.26 -20.61
N LEU A 10 16.63 6.48 -19.79
CA LEU A 10 16.46 6.79 -18.38
C LEU A 10 17.51 7.80 -17.93
N LYS A 11 18.76 7.33 -17.78
CA LYS A 11 19.86 8.18 -17.35
C LYS A 11 19.88 9.48 -18.16
N SER A 12 20.55 9.44 -19.32
CA SER A 12 20.65 10.60 -20.18
C SER A 12 21.00 11.85 -19.37
N SER A 13 20.77 13.02 -19.97
CA SER A 13 21.07 14.28 -19.30
C SER A 13 20.00 15.33 -19.65
N ASN A 14 19.61 15.36 -20.92
CA ASN A 14 18.61 16.32 -21.37
C ASN A 14 17.24 15.99 -20.80
N GLU A 15 16.48 17.03 -20.46
CA GLU A 15 15.15 16.85 -19.90
C GLU A 15 14.15 16.43 -20.97
N GLU A 16 14.32 16.97 -22.17
CA GLU A 16 13.43 16.66 -23.29
C GLU A 16 13.35 15.15 -23.51
N ILE A 17 14.50 14.54 -23.80
CA ILE A 17 14.55 13.10 -24.04
C ILE A 17 13.99 12.33 -22.83
N LEU A 18 14.23 12.86 -21.64
CA LEU A 18 13.75 12.22 -20.42
C LEU A 18 12.23 12.10 -20.42
N LEU A 19 11.56 13.19 -20.73
CA LEU A 19 10.10 13.21 -20.77
C LEU A 19 9.57 12.18 -21.77
N LYS A 20 9.98 12.32 -23.02
CA LYS A 20 9.56 11.40 -24.07
C LYS A 20 9.92 9.96 -23.71
N ALA A 21 11.06 9.79 -23.03
CA ALA A 21 11.52 8.47 -22.62
C ALA A 21 10.88 8.05 -21.30
N LEU A 22 10.04 8.91 -20.76
CA LEU A 22 9.37 8.64 -19.49
C LEU A 22 7.90 8.29 -19.71
N ARG A 23 7.40 8.62 -20.90
CA ARG A 23 6.01 8.35 -21.23
C ARG A 23 5.86 6.95 -21.85
N ALA A 24 6.80 6.58 -22.71
CA ALA A 24 6.79 5.28 -23.36
C ALA A 24 6.59 4.16 -22.33
N LEU A 25 7.57 3.99 -21.46
CA LEU A 25 7.50 2.96 -20.43
C LEU A 25 6.08 2.83 -19.88
N ALA A 26 5.48 3.95 -19.53
CA ALA A 26 4.12 3.96 -18.99
C ALA A 26 3.18 3.15 -19.88
N GLU A 27 3.12 3.50 -21.16
CA GLU A 27 2.26 2.79 -22.11
C GLU A 27 2.47 1.29 -22.01
N ILE A 28 3.69 0.88 -21.70
CA ILE A 28 4.02 -0.53 -21.57
C ILE A 28 3.67 -1.07 -20.19
N ALA A 29 3.79 -0.21 -19.18
CA ALA A 29 3.48 -0.59 -17.81
C ALA A 29 2.05 -1.08 -17.69
N SER A 30 1.12 -0.35 -18.31
CA SER A 30 -0.29 -0.71 -18.27
C SER A 30 -0.67 -1.57 -19.46
N GLY A 31 0.24 -2.47 -19.85
CA GLY A 31 -0.02 -3.34 -20.98
C GLY A 31 -0.41 -4.74 -20.55
N GLY A 32 -0.84 -4.88 -19.30
CA GLY A 32 -1.23 -6.18 -18.79
C GLY A 32 -0.14 -6.85 -17.99
N ASN A 33 -0.50 -7.88 -17.23
CA ASN A 33 0.46 -8.60 -16.40
C ASN A 33 1.60 -9.15 -17.24
N GLU A 34 1.26 -9.96 -18.24
CA GLU A 34 2.26 -10.55 -19.12
C GLU A 34 3.20 -9.48 -19.67
N GLN A 35 2.65 -8.29 -19.92
CA GLN A 35 3.44 -7.19 -20.46
C GLN A 35 4.29 -6.55 -19.37
N ILE A 36 3.76 -6.54 -18.15
CA ILE A 36 4.47 -5.96 -17.01
C ILE A 36 5.76 -6.71 -16.73
N GLN A 37 5.75 -8.02 -16.99
CA GLN A 37 6.92 -8.85 -16.75
C GLN A 37 8.08 -8.42 -17.64
N ALA A 38 7.76 -7.97 -18.85
CA ALA A 38 8.77 -7.53 -19.80
C ALA A 38 9.53 -6.31 -19.26
N VAL A 39 8.79 -5.31 -18.82
CA VAL A 39 9.40 -4.09 -18.28
C VAL A 39 10.44 -4.42 -17.22
N ILE A 40 10.11 -5.37 -16.35
CA ILE A 40 11.01 -5.78 -15.29
C ILE A 40 12.40 -6.12 -15.84
N ASP A 41 12.49 -7.24 -16.53
CA ASP A 41 13.76 -7.68 -17.12
C ASP A 41 14.38 -6.57 -17.94
N ALA A 42 13.54 -5.73 -18.53
CA ALA A 42 14.00 -4.62 -19.35
C ALA A 42 15.05 -3.79 -18.62
N GLY A 43 14.88 -3.67 -17.30
CA GLY A 43 15.81 -2.91 -16.50
C GLY A 43 15.36 -1.48 -16.28
N ALA A 44 14.10 -1.32 -15.89
CA ALA A 44 13.54 0.01 -15.64
C ALA A 44 13.17 0.19 -14.17
N LEU A 45 13.04 -0.93 -13.45
CA LEU A 45 12.69 -0.89 -12.04
C LEU A 45 13.60 0.07 -11.28
N PRO A 46 14.91 -0.19 -11.34
CA PRO A 46 15.91 0.64 -10.66
C PRO A 46 16.05 2.01 -11.31
N ALA A 47 16.19 2.03 -12.62
CA ALA A 47 16.33 3.28 -13.37
C ALA A 47 15.24 4.28 -12.97
N LEU A 48 14.00 3.84 -13.01
CA LEU A 48 12.87 4.70 -12.65
C LEU A 48 13.02 5.24 -11.24
N VAL A 49 13.36 4.36 -10.30
CA VAL A 49 13.55 4.75 -8.92
C VAL A 49 14.47 5.95 -8.79
N GLN A 50 15.55 5.94 -9.58
CA GLN A 50 16.51 7.03 -9.56
C GLN A 50 15.83 8.37 -9.83
N LEU A 51 14.75 8.32 -10.60
CA LEU A 51 14.00 9.53 -10.94
C LEU A 51 13.25 10.07 -9.73
N LEU A 52 13.00 9.19 -8.76
CA LEU A 52 12.30 9.58 -7.54
C LEU A 52 12.97 10.78 -6.88
N SER A 53 14.29 10.88 -7.04
CA SER A 53 15.05 11.97 -6.46
C SER A 53 15.06 13.19 -7.39
N SER A 54 14.84 12.94 -8.67
CA SER A 54 14.83 14.00 -9.67
C SER A 54 13.98 15.18 -9.20
N PRO A 55 14.50 16.40 -9.39
CA PRO A 55 13.80 17.62 -9.00
C PRO A 55 12.57 17.90 -9.86
N ASN A 56 12.72 17.71 -11.16
CA ASN A 56 11.63 17.94 -12.10
C ASN A 56 10.35 17.27 -11.61
N GLU A 57 9.25 18.02 -11.62
CA GLU A 57 7.97 17.49 -11.18
C GLU A 57 7.42 16.49 -12.19
N GLN A 58 7.32 16.92 -13.44
CA GLN A 58 6.80 16.06 -14.51
C GLN A 58 7.52 14.72 -14.52
N ILE A 59 8.85 14.76 -14.41
CA ILE A 59 9.66 13.56 -14.40
C ILE A 59 9.32 12.66 -13.21
N LEU A 60 9.04 13.30 -12.07
CA LEU A 60 8.69 12.57 -10.86
C LEU A 60 7.32 11.92 -10.98
N GLN A 61 6.41 12.60 -11.66
CA GLN A 61 5.06 12.09 -11.85
C GLN A 61 5.06 10.87 -12.76
N GLU A 62 5.50 11.07 -14.01
CA GLU A 62 5.55 9.97 -14.97
C GLU A 62 6.30 8.78 -14.41
N ALA A 63 7.50 9.03 -13.91
CA ALA A 63 8.33 7.97 -13.33
C ALA A 63 7.57 7.22 -12.24
N LEU A 64 6.76 7.95 -11.49
CA LEU A 64 5.98 7.34 -10.41
C LEU A 64 4.91 6.41 -10.97
N TRP A 65 4.10 6.92 -11.89
CA TRP A 65 3.04 6.13 -12.50
C TRP A 65 3.59 4.84 -13.10
N ALA A 66 4.66 4.96 -13.88
CA ALA A 66 5.29 3.80 -14.50
C ALA A 66 5.61 2.73 -13.46
N LEU A 67 6.20 3.15 -12.36
CA LEU A 67 6.56 2.23 -11.29
C LEU A 67 5.32 1.65 -10.62
N SER A 68 4.29 2.48 -10.50
CA SER A 68 3.04 2.06 -9.87
C SER A 68 2.38 0.94 -10.67
N ASN A 69 2.27 1.15 -11.98
CA ASN A 69 1.66 0.17 -12.87
C ASN A 69 2.28 -1.20 -12.67
N ILE A 70 3.61 -1.24 -12.58
CA ILE A 70 4.33 -2.49 -12.38
C ILE A 70 4.07 -3.07 -10.99
N ALA A 71 3.96 -2.18 -10.01
CA ALA A 71 3.72 -2.59 -8.63
C ALA A 71 2.39 -3.34 -8.52
N SER A 72 1.48 -3.07 -9.44
CA SER A 72 0.18 -3.72 -9.44
C SER A 72 0.19 -4.98 -10.31
N GLY A 73 1.34 -5.64 -10.36
CA GLY A 73 1.47 -6.84 -11.15
C GLY A 73 1.15 -8.10 -10.35
N GLY A 74 1.32 -9.25 -10.98
CA GLY A 74 1.03 -10.51 -10.30
C GLY A 74 1.95 -10.74 -9.12
N ASN A 75 1.66 -11.80 -8.36
CA ASN A 75 2.46 -12.13 -7.18
C ASN A 75 3.94 -12.19 -7.54
N GLU A 76 4.25 -12.79 -8.68
CA GLU A 76 5.63 -12.92 -9.13
C GLU A 76 6.18 -11.57 -9.60
N GLN A 77 5.38 -10.85 -10.37
CA GLN A 77 5.79 -9.55 -10.89
C GLN A 77 6.13 -8.60 -9.73
N ILE A 78 5.24 -8.54 -8.75
CA ILE A 78 5.44 -7.68 -7.59
C ILE A 78 6.80 -7.93 -6.95
N GLN A 79 7.17 -9.21 -6.84
CA GLN A 79 8.45 -9.58 -6.24
C GLN A 79 9.61 -8.89 -6.95
N ALA A 80 9.56 -8.89 -8.28
CA ALA A 80 10.60 -8.27 -9.08
C ALA A 80 10.86 -6.83 -8.63
N VAL A 81 9.78 -6.09 -8.37
CA VAL A 81 9.89 -4.71 -7.93
C VAL A 81 10.49 -4.63 -6.53
N ILE A 82 10.17 -5.60 -5.69
CA ILE A 82 10.68 -5.64 -4.32
C ILE A 82 12.18 -5.93 -4.31
N ASP A 83 12.64 -6.71 -5.28
CA ASP A 83 14.05 -7.05 -5.38
C ASP A 83 14.79 -6.09 -6.31
N ALA A 84 14.29 -4.86 -6.39
CA ALA A 84 14.90 -3.85 -7.24
C ALA A 84 15.42 -2.68 -6.41
N GLY A 85 14.82 -2.45 -5.26
CA GLY A 85 15.24 -1.37 -4.39
C GLY A 85 14.22 -0.23 -4.35
N ALA A 86 12.99 -0.53 -4.75
CA ALA A 86 11.94 0.48 -4.77
C ALA A 86 11.21 0.52 -3.42
N LEU A 87 11.58 -0.38 -2.51
CA LEU A 87 10.98 -0.43 -1.20
C LEU A 87 11.47 0.71 -0.31
N PRO A 88 12.79 0.72 -0.05
CA PRO A 88 13.42 1.75 0.78
C PRO A 88 13.44 3.11 0.10
N ALA A 89 12.85 3.18 -1.09
CA ALA A 89 12.80 4.42 -1.84
C ALA A 89 11.39 5.00 -1.87
N LEU A 90 10.44 4.20 -2.37
CA LEU A 90 9.05 4.63 -2.46
C LEU A 90 8.57 5.18 -1.12
N VAL A 91 8.94 4.51 -0.03
CA VAL A 91 8.55 4.93 1.30
C VAL A 91 9.00 6.37 1.57
N GLN A 92 10.25 6.66 1.23
CA GLN A 92 10.80 8.00 1.43
C GLN A 92 9.91 9.06 0.79
N LEU A 93 9.32 8.72 -0.35
CA LEU A 93 8.45 9.65 -1.07
C LEU A 93 7.20 9.96 -0.24
N LEU A 94 6.79 9.01 0.59
CA LEU A 94 5.62 9.19 1.44
C LEU A 94 5.69 10.51 2.20
N SER A 95 6.91 10.93 2.50
CA SER A 95 7.13 12.18 3.23
C SER A 95 7.70 13.26 2.32
N SER A 96 6.88 13.68 1.35
CA SER A 96 7.31 14.71 0.40
C SER A 96 6.35 15.90 0.45
N PRO A 97 6.84 17.06 -0.03
CA PRO A 97 6.06 18.30 -0.06
C PRO A 97 4.92 18.24 -1.07
N ASN A 98 5.22 17.78 -2.27
CA ASN A 98 4.22 17.67 -3.33
C ASN A 98 3.19 16.60 -2.99
N GLU A 99 1.93 17.00 -2.92
CA GLU A 99 0.85 16.07 -2.61
C GLU A 99 0.65 15.07 -3.74
N GLN A 100 0.75 15.55 -4.98
CA GLN A 100 0.58 14.69 -6.14
C GLN A 100 1.53 13.51 -6.09
N ILE A 101 2.79 13.77 -5.75
CA ILE A 101 3.79 12.72 -5.66
C ILE A 101 3.45 11.73 -4.55
N LEU A 102 3.17 12.25 -3.37
CA LEU A 102 2.83 11.42 -2.22
C LEU A 102 1.71 10.44 -2.58
N GLN A 103 0.65 10.96 -3.18
CA GLN A 103 -0.49 10.13 -3.58
C GLN A 103 -0.04 9.01 -4.50
N GLU A 104 0.89 9.31 -5.40
CA GLU A 104 1.40 8.32 -6.34
C GLU A 104 2.23 7.27 -5.62
N ALA A 105 3.20 7.72 -4.83
CA ALA A 105 4.07 6.82 -4.09
C ALA A 105 3.26 5.80 -3.29
N LEU A 106 2.17 6.27 -2.69
CA LEU A 106 1.31 5.40 -1.89
C LEU A 106 0.63 4.35 -2.78
N TRP A 107 0.00 4.81 -3.85
CA TRP A 107 -0.68 3.93 -4.78
C TRP A 107 0.22 2.78 -5.21
N ALA A 108 1.51 3.08 -5.36
CA ALA A 108 2.49 2.07 -5.76
C ALA A 108 2.81 1.13 -4.61
N LEU A 109 2.89 1.67 -3.41
CA LEU A 109 3.19 0.87 -2.22
C LEU A 109 2.04 -0.09 -1.90
N SER A 110 0.82 0.43 -1.99
CA SER A 110 -0.37 -0.36 -1.70
C SER A 110 -0.45 -1.57 -2.63
N ASN A 111 -0.19 -1.35 -3.92
CA ASN A 111 -0.23 -2.41 -4.90
C ASN A 111 0.67 -3.58 -4.48
N ILE A 112 1.87 -3.26 -4.02
CA ILE A 112 2.82 -4.28 -3.58
C ILE A 112 2.35 -4.94 -2.28
N ALA A 113 1.99 -4.12 -1.31
CA ALA A 113 1.52 -4.63 -0.02
C ALA A 113 0.43 -5.68 -0.20
N SER A 114 -0.34 -5.55 -1.28
CA SER A 114 -1.42 -6.48 -1.57
C SER A 114 -0.88 -7.71 -2.28
N GLY A 115 0.13 -8.34 -1.68
CA GLY A 115 0.71 -9.54 -2.27
C GLY A 115 0.32 -10.80 -1.54
N GLY A 116 0.97 -11.91 -1.87
CA GLY A 116 0.66 -13.17 -1.22
C GLY A 116 1.25 -13.27 0.16
N ASN A 117 1.03 -14.40 0.82
CA ASN A 117 1.54 -14.61 2.18
C ASN A 117 3.04 -14.32 2.24
N GLU A 118 3.78 -14.91 1.30
CA GLU A 118 5.22 -14.72 1.26
C GLU A 118 5.58 -13.25 1.01
N GLN A 119 4.84 -12.62 0.09
CA GLN A 119 5.08 -11.22 -0.24
C GLN A 119 4.89 -10.33 0.98
N ILE A 120 3.78 -10.53 1.69
CA ILE A 120 3.47 -9.76 2.88
C ILE A 120 4.64 -9.75 3.86
N GLN A 121 5.15 -10.94 4.16
CA GLN A 121 6.27 -11.08 5.08
C GLN A 121 7.44 -10.19 4.65
N ALA A 122 7.62 -10.06 3.34
CA ALA A 122 8.70 -9.24 2.80
C ALA A 122 8.51 -7.78 3.17
N VAL A 123 7.26 -7.35 3.24
CA VAL A 123 6.94 -5.97 3.59
C VAL A 123 6.75 -5.81 5.09
N ILE A 124 7.65 -6.40 5.86
CA ILE A 124 7.57 -6.33 7.32
C ILE A 124 8.96 -6.19 7.92
N ASP A 125 9.92 -6.94 7.38
CA ASP A 125 11.29 -6.89 7.88
C ASP A 125 12.02 -5.66 7.35
N ALA A 126 11.70 -5.28 6.11
CA ALA A 126 12.32 -4.11 5.50
C ALA A 126 11.94 -2.83 6.23
N GLY A 127 10.71 -2.78 6.74
CA GLY A 127 10.26 -1.61 7.46
C GLY A 127 9.15 -0.88 6.73
N ALA A 128 7.96 -0.87 7.32
CA ALA A 128 6.81 -0.20 6.72
C ALA A 128 5.60 -0.26 7.65
N LEU A 129 5.46 -1.36 8.37
CA LEU A 129 4.35 -1.53 9.30
C LEU A 129 4.21 -0.32 10.22
N PRO A 130 5.27 -0.04 10.99
CA PRO A 130 5.29 1.09 11.92
C PRO A 130 5.33 2.43 11.21
N ALA A 131 6.01 2.47 10.06
CA ALA A 131 6.12 3.69 9.28
C ALA A 131 4.76 4.17 8.80
N LEU A 132 3.86 3.21 8.53
CA LEU A 132 2.51 3.54 8.07
C LEU A 132 1.63 4.00 9.23
N VAL A 133 1.85 3.40 10.40
CA VAL A 133 1.08 3.75 11.59
C VAL A 133 1.08 5.25 11.82
N GLN A 134 2.22 5.89 11.57
CA GLN A 134 2.35 7.33 11.74
C GLN A 134 1.50 8.09 10.73
N LEU A 135 1.40 7.54 9.52
CA LEU A 135 0.62 8.16 8.46
C LEU A 135 -0.86 8.13 8.79
N LEU A 136 -1.29 7.10 9.51
CA LEU A 136 -2.68 6.95 9.91
C LEU A 136 -3.22 8.24 10.51
N SER A 137 -2.36 8.95 11.24
CA SER A 137 -2.75 10.19 11.87
C SER A 137 -2.20 11.39 11.11
N SER A 138 -2.79 11.67 9.95
CA SER A 138 -2.36 12.79 9.11
C SER A 138 -3.54 13.65 8.71
N PRO A 139 -3.25 14.90 8.31
CA PRO A 139 -4.28 15.86 7.90
C PRO A 139 -4.93 15.48 6.56
N ASN A 140 -4.11 14.99 5.64
CA ASN A 140 -4.59 14.59 4.32
C ASN A 140 -5.64 13.51 4.44
N GLU A 141 -6.41 13.31 3.37
CA GLU A 141 -7.47 12.31 3.35
C GLU A 141 -7.05 11.09 2.54
N GLN A 142 -6.84 11.30 1.24
CA GLN A 142 -6.44 10.23 0.34
C GLN A 142 -5.24 9.47 0.91
N ILE A 143 -4.24 10.20 1.38
CA ILE A 143 -3.04 9.59 1.94
C ILE A 143 -3.40 8.58 3.04
N LEU A 144 -4.25 9.00 3.96
CA LEU A 144 -4.68 8.14 5.06
C LEU A 144 -5.33 6.87 4.52
N GLN A 145 -6.16 7.02 3.49
CA GLN A 145 -6.85 5.89 2.88
C GLN A 145 -5.85 4.84 2.41
N GLU A 146 -4.96 5.24 1.51
CA GLU A 146 -3.95 4.33 0.97
C GLU A 146 -3.16 3.68 2.10
N ALA A 147 -2.67 4.50 3.03
CA ALA A 147 -1.90 4.01 4.16
C ALA A 147 -2.69 2.99 4.96
N LEU A 148 -3.99 3.21 5.06
CA LEU A 148 -4.87 2.30 5.81
C LEU A 148 -5.14 1.02 5.02
N TRP A 149 -5.25 1.16 3.70
CA TRP A 149 -5.50 0.02 2.83
C TRP A 149 -4.27 -0.88 2.76
N ALA A 150 -3.09 -0.28 2.78
CA ALA A 150 -1.84 -1.03 2.71
C ALA A 150 -1.72 -1.98 3.90
N LEU A 151 -1.71 -1.43 5.10
CA LEU A 151 -1.60 -2.23 6.31
C LEU A 151 -2.63 -3.36 6.32
N SER A 152 -3.81 -3.08 5.79
CA SER A 152 -4.88 -4.06 5.73
C SER A 152 -4.44 -5.31 4.98
N ASN A 153 -3.90 -5.10 3.78
CA ASN A 153 -3.43 -6.21 2.95
C ASN A 153 -2.50 -7.12 3.73
N ILE A 154 -1.71 -6.52 4.63
CA ILE A 154 -0.77 -7.29 5.45
C ILE A 154 -1.50 -8.13 6.49
N ALA A 155 -2.63 -7.60 6.98
CA ALA A 155 -3.42 -8.31 7.98
C ALA A 155 -4.12 -9.52 7.37
N SER A 156 -4.51 -9.39 6.10
CA SER A 156 -5.20 -10.47 5.40
C SER A 156 -4.24 -11.64 5.13
N GLY A 157 -4.09 -12.50 6.14
CA GLY A 157 -3.21 -13.64 6.00
C GLY A 157 -3.28 -14.58 7.20
N GLY A 158 -2.38 -15.55 7.23
CA GLY A 158 -2.36 -16.50 8.33
C GLY A 158 -2.34 -15.81 9.69
N ASN A 159 -2.72 -16.55 10.72
CA ASN A 159 -2.75 -16.00 12.08
C ASN A 159 -1.41 -15.34 12.42
N GLU A 160 -0.34 -16.11 12.36
CA GLU A 160 0.99 -15.59 12.67
C GLU A 160 1.27 -14.32 11.88
N GLN A 161 0.87 -14.31 10.61
CA GLN A 161 1.08 -13.16 9.74
C GLN A 161 0.44 -11.90 10.35
N ILE A 162 -0.79 -12.04 10.82
CA ILE A 162 -1.51 -10.92 11.42
C ILE A 162 -0.77 -10.39 12.65
N GLN A 163 0.05 -11.24 13.26
CA GLN A 163 0.82 -10.86 14.43
C GLN A 163 1.73 -9.68 14.12
N ALA A 164 2.42 -9.76 12.99
CA ALA A 164 3.33 -8.69 12.57
C ALA A 164 2.65 -7.33 12.61
N VAL A 165 1.35 -7.32 12.30
CA VAL A 165 0.58 -6.09 12.30
C VAL A 165 0.23 -5.66 13.72
N ILE A 166 -0.01 -6.63 14.59
CA ILE A 166 -0.36 -6.36 15.98
C ILE A 166 0.86 -5.91 16.77
N ASP A 167 2.02 -6.50 16.46
CA ASP A 167 3.26 -6.15 17.14
C ASP A 167 3.68 -4.73 16.81
N ALA A 168 3.43 -4.31 15.57
CA ALA A 168 3.78 -2.97 15.13
C ALA A 168 2.99 -1.91 15.89
N GLY A 169 1.75 -2.25 16.23
CA GLY A 169 0.90 -1.31 16.96
C GLY A 169 -0.32 -0.88 16.17
N ALA A 170 -0.81 -1.78 15.32
CA ALA A 170 -1.98 -1.50 14.49
C ALA A 170 -3.26 -1.64 15.30
N LEU A 171 -3.22 -2.50 16.31
CA LEU A 171 -4.39 -2.73 17.16
C LEU A 171 -4.99 -1.42 17.63
N PRO A 172 -4.17 -0.59 18.30
CA PRO A 172 -4.61 0.71 18.81
C PRO A 172 -4.86 1.72 17.70
N ALA A 173 -3.93 1.79 16.75
CA ALA A 173 -4.06 2.71 15.63
C ALA A 173 -5.39 2.55 14.93
N LEU A 174 -5.85 1.31 14.80
CA LEU A 174 -7.13 1.02 14.15
C LEU A 174 -8.29 1.37 15.07
N VAL A 175 -8.17 1.00 16.34
CA VAL A 175 -9.23 1.27 17.31
C VAL A 175 -9.51 2.77 17.39
N GLN A 176 -8.49 3.58 17.16
CA GLN A 176 -8.63 5.03 17.20
C GLN A 176 -9.15 5.57 15.87
N LEU A 177 -8.55 5.11 14.78
CA LEU A 177 -8.95 5.55 13.45
C LEU A 177 -10.41 5.18 13.17
N LEU A 178 -10.84 4.04 13.71
CA LEU A 178 -12.21 3.58 13.52
C LEU A 178 -13.21 4.70 13.79
N SER A 179 -12.87 5.56 14.75
CA SER A 179 -13.74 6.68 15.11
C SER A 179 -13.43 7.91 14.25
N SER A 180 -13.97 7.93 13.04
CA SER A 180 -13.75 9.05 12.12
C SER A 180 -15.04 9.41 11.39
N PRO A 181 -15.22 10.72 11.12
CA PRO A 181 -16.40 11.22 10.43
C PRO A 181 -16.43 10.81 8.96
N ASN A 182 -15.31 10.28 8.47
CA ASN A 182 -15.21 9.86 7.08
C ASN A 182 -15.71 8.42 6.91
N GLU A 183 -16.62 8.23 5.97
CA GLU A 183 -17.19 6.91 5.71
C GLU A 183 -16.12 5.95 5.17
N GLN A 184 -15.22 6.49 4.35
CA GLN A 184 -14.15 5.69 3.78
C GLN A 184 -13.23 5.14 4.86
N ILE A 185 -13.05 5.93 5.91
CA ILE A 185 -12.18 5.52 7.02
C ILE A 185 -12.91 4.57 7.96
N LEU A 186 -14.21 4.79 8.13
CA LEU A 186 -15.03 3.95 8.99
C LEU A 186 -15.25 2.58 8.38
N GLN A 187 -15.35 2.54 7.06
CA GLN A 187 -15.58 1.29 6.34
C GLN A 187 -14.27 0.51 6.22
N GLU A 188 -13.21 1.19 5.79
CA GLU A 188 -11.90 0.55 5.63
C GLU A 188 -11.40 0.01 6.96
N ALA A 189 -11.22 0.90 7.94
CA ALA A 189 -10.74 0.51 9.25
C ALA A 189 -11.54 -0.66 9.80
N LEU A 190 -12.86 -0.49 9.89
CA LEU A 190 -13.73 -1.54 10.41
C LEU A 190 -13.47 -2.86 9.70
N TRP A 191 -13.50 -2.83 8.36
CA TRP A 191 -13.25 -4.03 7.57
C TRP A 191 -11.88 -4.60 7.84
N ALA A 192 -10.94 -3.72 8.19
CA ALA A 192 -9.56 -4.14 8.48
C ALA A 192 -9.52 -5.05 9.71
N LEU A 193 -9.78 -4.47 10.87
CA LEU A 193 -9.76 -5.23 12.12
C LEU A 193 -10.63 -6.49 12.01
N SER A 194 -11.74 -6.37 11.28
CA SER A 194 -12.65 -7.49 11.10
C SER A 194 -11.89 -8.74 10.64
N ASN A 195 -10.85 -8.52 9.84
CA ASN A 195 -10.05 -9.62 9.32
C ASN A 195 -9.22 -10.26 10.45
N ILE A 196 -8.73 -9.42 11.35
CA ILE A 196 -7.93 -9.91 12.47
C ILE A 196 -8.78 -10.72 13.44
N ALA A 197 -10.01 -10.27 13.68
CA ALA A 197 -10.92 -10.96 14.59
C ALA A 197 -11.05 -12.43 14.22
N SER A 198 -11.01 -12.71 12.92
CA SER A 198 -11.14 -14.08 12.43
C SER A 198 -10.07 -14.97 13.06
N GLY A 199 -8.97 -14.37 13.47
CA GLY A 199 -7.89 -15.12 14.10
C GLY A 199 -8.38 -16.04 15.20
N GLY A 200 -7.51 -16.94 15.66
CA GLY A 200 -7.89 -17.86 16.71
C GLY A 200 -8.09 -17.17 18.04
N ASN A 201 -8.08 -17.94 19.12
CA ASN A 201 -8.26 -17.39 20.45
C ASN A 201 -7.17 -16.37 20.78
N GLU A 202 -5.92 -16.78 20.64
CA GLU A 202 -4.79 -15.90 20.92
C GLU A 202 -4.92 -14.59 20.14
N GLN A 203 -5.38 -14.69 18.90
CA GLN A 203 -5.54 -13.51 18.05
C GLN A 203 -6.76 -12.70 18.50
N LYS A 204 -7.80 -13.39 18.94
CA LYS A 204 -9.02 -12.73 19.40
C LYS A 204 -8.75 -11.88 20.63
N GLN A 205 -8.25 -12.53 21.69
CA GLN A 205 -7.95 -11.84 22.93
C GLN A 205 -7.10 -10.59 22.67
N ALA A 206 -6.15 -10.71 21.76
CA ALA A 206 -5.28 -9.60 21.42
C ALA A 206 -6.09 -8.40 20.92
N VAL A 207 -7.19 -8.67 20.25
CA VAL A 207 -8.05 -7.62 19.73
C VAL A 207 -8.82 -6.92 20.85
N LYS A 208 -9.36 -7.72 21.76
CA LYS A 208 -10.12 -7.18 22.89
C LYS A 208 -9.32 -6.10 23.62
N GLU A 209 -8.03 -6.34 23.77
CA GLU A 209 -7.15 -5.39 24.46
C GLU A 209 -7.11 -4.06 23.71
N ALA A 210 -7.24 -4.13 22.39
CA ALA A 210 -7.23 -2.93 21.56
C ALA A 210 -8.19 -1.88 22.09
N GLY A 211 -9.48 -2.17 21.97
CA GLY A 211 -10.50 -1.24 22.44
C GLY A 211 -11.62 -1.05 21.44
N ALA A 212 -11.60 -1.84 20.37
CA ALA A 212 -12.62 -1.75 19.34
C ALA A 212 -13.99 -2.13 19.88
N LEU A 213 -14.01 -2.69 21.09
CA LEU A 213 -15.25 -3.10 21.72
C LEU A 213 -16.29 -1.97 21.70
N GLU A 214 -15.79 -0.74 21.68
CA GLU A 214 -16.67 0.43 21.65
C GLU A 214 -16.86 0.94 20.23
N LYS A 215 -15.78 0.88 19.44
CA LYS A 215 -15.82 1.34 18.05
C LYS A 215 -16.76 0.48 17.23
N LEU A 216 -16.88 -0.79 17.59
CA LEU A 216 -17.75 -1.72 16.89
C LEU A 216 -19.17 -1.67 17.44
N GLU A 217 -19.28 -1.66 18.78
CA GLU A 217 -20.59 -1.61 19.43
C GLU A 217 -21.40 -0.42 18.94
N GLN A 218 -20.77 0.75 18.91
CA GLN A 218 -21.43 1.97 18.45
C GLN A 218 -21.78 1.87 16.97
N LEU A 219 -20.92 1.22 16.20
CA LEU A 219 -21.14 1.06 14.77
C LEU A 219 -22.44 0.31 14.49
N GLN A 220 -22.81 -0.58 15.41
CA GLN A 220 -24.03 -1.36 15.26
C GLN A 220 -25.22 -0.46 14.94
N SER A 221 -25.18 0.78 15.45
CA SER A 221 -26.25 1.73 15.22
C SER A 221 -25.81 2.83 14.26
N HIS A 222 -25.16 2.42 13.16
CA HIS A 222 -24.69 3.36 12.16
C HIS A 222 -25.74 3.62 11.09
N GLU A 223 -25.78 4.83 10.57
CA GLU A 223 -26.75 5.20 9.54
C GLU A 223 -26.66 4.24 8.36
N ASN A 224 -25.45 3.80 8.04
CA ASN A 224 -25.23 2.88 6.94
C ASN A 224 -25.56 1.45 7.34
N GLU A 225 -26.48 0.83 6.62
CA GLU A 225 -26.88 -0.55 6.92
C GLU A 225 -25.71 -1.50 6.72
N LYS A 226 -25.01 -1.36 5.60
CA LYS A 226 -23.87 -2.21 5.30
C LYS A 226 -22.88 -2.24 6.46
N ILE A 227 -22.65 -1.08 7.06
CA ILE A 227 -21.73 -0.97 8.18
C ILE A 227 -22.29 -1.67 9.42
N GLN A 228 -23.61 -1.58 9.59
CA GLN A 228 -24.27 -2.21 10.74
C GLN A 228 -24.05 -3.72 10.73
N LYS A 229 -24.25 -4.34 9.57
CA LYS A 229 -24.07 -5.78 9.43
C LYS A 229 -22.63 -6.18 9.67
N GLU A 230 -21.70 -5.43 9.08
CA GLU A 230 -20.27 -5.71 9.23
C GLU A 230 -19.86 -5.59 10.70
N ALA A 231 -20.35 -4.55 11.36
CA ALA A 231 -20.04 -4.31 12.76
C ALA A 231 -20.63 -5.39 13.65
N GLN A 232 -21.89 -5.74 13.39
CA GLN A 232 -22.58 -6.75 14.17
C GLN A 232 -21.87 -8.10 14.05
N GLU A 233 -21.64 -8.54 12.82
CA GLU A 233 -20.97 -9.81 12.58
C GLU A 233 -19.61 -9.86 13.28
N ALA A 234 -18.91 -8.73 13.26
CA ALA A 234 -17.60 -8.64 13.89
C ALA A 234 -17.68 -8.97 15.37
N LEU A 235 -18.72 -8.47 16.03
CA LEU A 235 -18.92 -8.71 17.46
C LEU A 235 -19.17 -10.19 17.73
N GLU A 236 -20.06 -10.79 16.94
CA GLU A 236 -20.38 -12.20 17.09
C GLU A 236 -19.11 -13.06 17.11
N LYS A 237 -18.17 -12.72 16.23
CA LYS A 237 -16.92 -13.45 16.13
C LYS A 237 -16.05 -13.20 17.36
N LEU A 238 -16.12 -11.98 17.89
CA LEU A 238 -15.34 -11.62 19.07
C LEU A 238 -15.84 -12.36 20.30
N GLN A 239 -17.14 -12.62 20.35
CA GLN A 239 -17.74 -13.33 21.47
C GLN A 239 -17.89 -14.81 21.17
N PRO A 1 12.03 -5.07 -30.27
CA PRO A 1 13.29 -4.52 -29.76
C PRO A 1 13.15 -3.05 -29.36
N ASP A 2 11.98 -2.68 -28.87
CA ASP A 2 11.72 -1.30 -28.46
C ASP A 2 11.91 -1.15 -26.94
N LEU A 3 11.70 -2.25 -26.22
CA LEU A 3 11.84 -2.23 -24.77
C LEU A 3 13.19 -1.65 -24.36
N PRO A 4 14.28 -2.31 -24.80
CA PRO A 4 15.64 -1.86 -24.50
C PRO A 4 16.01 -0.57 -25.21
N LYS A 5 15.46 -0.38 -26.40
CA LYS A 5 15.73 0.82 -27.19
C LYS A 5 15.08 2.03 -26.56
N LEU A 6 14.06 1.80 -25.74
CA LEU A 6 13.36 2.89 -25.06
C LEU A 6 13.87 3.06 -23.63
N VAL A 7 14.34 1.97 -23.04
CA VAL A 7 14.85 2.00 -21.68
C VAL A 7 16.21 2.70 -21.62
N LYS A 8 17.02 2.48 -22.65
CA LYS A 8 18.34 3.08 -22.73
C LYS A 8 18.27 4.58 -22.47
N LEU A 9 17.15 5.18 -22.83
CA LEU A 9 16.96 6.62 -22.64
C LEU A 9 16.85 6.96 -21.15
N LEU A 10 16.18 6.10 -20.40
CA LEU A 10 16.02 6.31 -18.96
C LEU A 10 17.34 6.70 -18.31
N LYS A 11 18.44 6.28 -18.92
CA LYS A 11 19.77 6.59 -18.40
C LYS A 11 19.90 8.07 -18.10
N SER A 12 19.07 8.88 -18.74
CA SER A 12 19.09 10.33 -18.54
C SER A 12 20.19 10.98 -19.37
N SER A 13 19.86 12.11 -20.00
CA SER A 13 20.82 12.82 -20.84
C SER A 13 20.22 14.14 -21.34
N ASN A 14 18.92 14.13 -21.61
CA ASN A 14 18.23 15.31 -22.09
C ASN A 14 16.86 15.46 -21.43
N GLU A 15 16.62 16.63 -20.84
CA GLU A 15 15.36 16.90 -20.17
C GLU A 15 14.17 16.57 -21.07
N GLU A 16 14.36 16.75 -22.38
CA GLU A 16 13.31 16.48 -23.35
C GLU A 16 13.23 14.98 -23.65
N ILE A 17 14.31 14.43 -24.19
CA ILE A 17 14.35 13.01 -24.53
C ILE A 17 13.92 12.16 -23.33
N LEU A 18 14.54 12.40 -22.19
CA LEU A 18 14.21 11.65 -20.97
C LEU A 18 12.71 11.67 -20.71
N LEU A 19 12.14 12.86 -20.60
CA LEU A 19 10.71 13.02 -20.36
C LEU A 19 9.90 12.18 -21.34
N LYS A 20 10.11 12.43 -22.63
CA LYS A 20 9.39 11.70 -23.68
C LYS A 20 9.64 10.20 -23.55
N ALA A 21 10.80 9.84 -23.01
CA ALA A 21 11.15 8.44 -22.84
C ALA A 21 10.65 7.91 -21.50
N LEU A 22 9.84 8.70 -20.82
CA LEU A 22 9.31 8.32 -19.52
C LEU A 22 7.84 7.90 -19.63
N ARG A 23 7.02 8.79 -20.19
CA ARG A 23 5.60 8.51 -20.36
C ARG A 23 5.39 7.37 -21.36
N ALA A 24 6.37 7.15 -22.21
CA ALA A 24 6.30 6.09 -23.21
C ALA A 24 6.03 4.74 -22.55
N LEU A 25 7.06 4.19 -21.91
CA LEU A 25 6.95 2.90 -21.24
C LEU A 25 5.63 2.80 -20.48
N ALA A 26 5.18 3.92 -19.94
CA ALA A 26 3.93 3.96 -19.19
C ALA A 26 2.82 3.21 -19.92
N GLU A 27 2.60 3.59 -21.18
CA GLU A 27 1.56 2.96 -22.00
C GLU A 27 1.76 1.44 -22.03
N ILE A 28 3.01 1.00 -22.05
CA ILE A 28 3.33 -0.41 -22.09
C ILE A 28 3.11 -1.07 -20.73
N ALA A 29 3.36 -0.29 -19.68
CA ALA A 29 3.18 -0.79 -18.31
C ALA A 29 1.71 -1.00 -17.99
N SER A 30 0.84 -0.23 -18.65
CA SER A 30 -0.59 -0.33 -18.43
C SER A 30 -1.19 -1.50 -19.23
N GLY A 31 -0.32 -2.24 -19.90
CA GLY A 31 -0.77 -3.37 -20.69
C GLY A 31 -1.32 -4.50 -19.84
N GLY A 32 -0.73 -5.68 -19.96
CA GLY A 32 -1.18 -6.81 -19.18
C GLY A 32 -0.06 -7.46 -18.38
N ASN A 33 -0.40 -8.47 -17.59
CA ASN A 33 0.59 -9.17 -16.77
C ASN A 33 1.78 -9.61 -17.61
N GLU A 34 1.50 -10.42 -18.63
CA GLU A 34 2.54 -10.93 -19.52
C GLU A 34 3.41 -9.78 -20.05
N GLN A 35 2.77 -8.64 -20.31
CA GLN A 35 3.48 -7.47 -20.82
C GLN A 35 4.29 -6.80 -19.72
N ILE A 36 3.81 -6.91 -18.49
CA ILE A 36 4.49 -6.32 -17.34
C ILE A 36 5.76 -7.09 -17.00
N GLN A 37 5.72 -8.41 -17.19
CA GLN A 37 6.86 -9.27 -16.90
C GLN A 37 8.06 -8.88 -17.76
N ALA A 38 7.78 -8.46 -18.99
CA ALA A 38 8.84 -8.06 -19.91
C ALA A 38 9.61 -6.86 -19.37
N VAL A 39 8.88 -5.78 -19.08
CA VAL A 39 9.50 -4.57 -18.56
C VAL A 39 10.35 -4.86 -17.34
N ILE A 40 9.82 -5.68 -16.43
CA ILE A 40 10.53 -6.03 -15.21
C ILE A 40 11.80 -6.82 -15.54
N ASP A 41 11.73 -7.66 -16.57
CA ASP A 41 12.86 -8.46 -16.98
C ASP A 41 13.84 -7.64 -17.81
N ALA A 42 14.34 -6.54 -17.24
CA ALA A 42 15.28 -5.67 -17.93
C ALA A 42 15.73 -4.52 -17.03
N GLY A 43 16.80 -3.85 -17.43
CA GLY A 43 17.30 -2.74 -16.64
C GLY A 43 16.38 -1.54 -16.67
N ALA A 44 15.24 -1.66 -15.99
CA ALA A 44 14.27 -0.58 -15.94
C ALA A 44 13.77 -0.35 -14.52
N LEU A 45 13.64 -1.44 -13.77
CA LEU A 45 13.17 -1.37 -12.39
C LEU A 45 13.90 -0.27 -11.63
N PRO A 46 15.23 -0.38 -11.55
CA PRO A 46 16.08 0.59 -10.86
C PRO A 46 16.12 1.94 -11.58
N ALA A 47 16.03 1.89 -12.90
CA ALA A 47 16.07 3.11 -13.71
C ALA A 47 14.99 4.09 -13.27
N LEU A 48 13.79 3.57 -13.00
CA LEU A 48 12.68 4.41 -12.57
C LEU A 48 12.90 4.93 -11.15
N VAL A 49 13.29 4.04 -10.25
CA VAL A 49 13.55 4.41 -8.86
C VAL A 49 14.47 5.62 -8.78
N GLN A 50 15.53 5.60 -9.58
CA GLN A 50 16.49 6.70 -9.60
C GLN A 50 15.80 8.02 -9.88
N LEU A 51 14.71 7.98 -10.63
CA LEU A 51 13.95 9.18 -10.97
C LEU A 51 13.23 9.72 -9.75
N LEU A 52 12.98 8.85 -8.78
CA LEU A 52 12.29 9.24 -7.55
C LEU A 52 12.97 10.44 -6.90
N SER A 53 14.30 10.50 -7.03
CA SER A 53 15.07 11.59 -6.45
C SER A 53 15.51 12.57 -7.52
N SER A 54 14.54 13.27 -8.11
CA SER A 54 14.82 14.25 -9.17
C SER A 54 14.14 15.58 -8.87
N PRO A 55 14.71 16.66 -9.41
CA PRO A 55 14.18 18.01 -9.23
C PRO A 55 12.85 18.22 -9.95
N ASN A 56 12.82 17.84 -11.22
CA ASN A 56 11.62 17.99 -12.03
C ASN A 56 10.44 17.25 -11.40
N GLU A 57 9.40 18.00 -11.04
CA GLU A 57 8.21 17.41 -10.42
C GLU A 57 7.45 16.56 -11.42
N GLN A 58 7.37 17.03 -12.66
CA GLN A 58 6.66 16.32 -13.71
C GLN A 58 7.28 14.94 -13.94
N ILE A 59 8.60 14.91 -14.07
CA ILE A 59 9.32 13.66 -14.30
C ILE A 59 9.12 12.69 -13.13
N LEU A 60 9.16 13.23 -11.91
CA LEU A 60 8.98 12.42 -10.71
C LEU A 60 7.58 11.81 -10.67
N GLN A 61 6.59 12.60 -11.03
CA GLN A 61 5.20 12.15 -11.04
C GLN A 61 5.01 10.98 -12.01
N GLU A 62 5.52 11.16 -13.23
CA GLU A 62 5.41 10.13 -14.26
C GLU A 62 6.12 8.85 -13.83
N ALA A 63 7.35 9.00 -13.35
CA ALA A 63 8.14 7.86 -12.90
C ALA A 63 7.35 7.00 -11.91
N LEU A 64 6.72 7.65 -10.95
CA LEU A 64 5.93 6.95 -9.94
C LEU A 64 4.78 6.17 -10.59
N TRP A 65 4.10 6.81 -11.53
CA TRP A 65 2.98 6.19 -12.22
C TRP A 65 3.42 4.91 -12.91
N ALA A 66 4.49 4.99 -13.70
CA ALA A 66 5.01 3.83 -14.41
C ALA A 66 5.37 2.71 -13.44
N LEU A 67 6.07 3.07 -12.36
CA LEU A 67 6.47 2.10 -11.36
C LEU A 67 5.27 1.48 -10.66
N SER A 68 4.24 2.29 -10.46
CA SER A 68 3.01 1.84 -9.80
C SER A 68 2.39 0.68 -10.57
N ASN A 69 2.26 0.84 -11.88
CA ASN A 69 1.68 -0.19 -12.73
C ASN A 69 2.37 -1.53 -12.50
N ILE A 70 3.69 -1.53 -12.58
CA ILE A 70 4.47 -2.74 -12.39
C ILE A 70 4.25 -3.32 -11.00
N ALA A 71 4.06 -2.45 -10.03
CA ALA A 71 3.82 -2.87 -8.65
C ALA A 71 2.55 -3.69 -8.53
N SER A 72 1.63 -3.49 -9.47
CA SER A 72 0.36 -4.20 -9.48
C SER A 72 0.45 -5.47 -10.32
N GLY A 73 1.63 -6.11 -10.29
CA GLY A 73 1.83 -7.33 -11.04
C GLY A 73 1.60 -8.58 -10.21
N GLY A 74 2.07 -9.71 -10.71
CA GLY A 74 1.89 -10.97 -9.99
C GLY A 74 2.83 -11.10 -8.81
N ASN A 75 2.70 -12.20 -8.07
CA ASN A 75 3.55 -12.44 -6.91
C ASN A 75 5.02 -12.28 -7.27
N GLU A 76 5.52 -13.18 -8.10
CA GLU A 76 6.93 -13.13 -8.52
C GLU A 76 7.25 -11.79 -9.17
N GLN A 77 6.32 -11.28 -9.96
CA GLN A 77 6.51 -10.00 -10.64
C GLN A 77 6.81 -8.89 -9.64
N ILE A 78 6.08 -8.90 -8.52
CA ILE A 78 6.27 -7.89 -7.48
C ILE A 78 7.63 -8.03 -6.81
N GLN A 79 8.01 -9.28 -6.54
CA GLN A 79 9.29 -9.55 -5.89
C GLN A 79 10.44 -8.86 -6.64
N ALA A 80 10.43 -8.98 -7.96
CA ALA A 80 11.46 -8.36 -8.79
C ALA A 80 11.62 -6.89 -8.45
N VAL A 81 10.50 -6.21 -8.23
CA VAL A 81 10.52 -4.78 -7.90
C VAL A 81 11.10 -4.55 -6.51
N ILE A 82 10.83 -5.48 -5.60
CA ILE A 82 11.33 -5.38 -4.23
C ILE A 82 12.85 -5.54 -4.19
N ASP A 83 13.37 -6.37 -5.08
CA ASP A 83 14.81 -6.62 -5.15
C ASP A 83 15.47 -5.69 -6.16
N ALA A 84 14.92 -4.50 -6.33
CA ALA A 84 15.45 -3.53 -7.27
C ALA A 84 15.89 -2.25 -6.55
N GLY A 85 15.34 -2.03 -5.36
CA GLY A 85 15.69 -0.86 -4.59
C GLY A 85 14.55 0.14 -4.51
N ALA A 86 13.34 -0.33 -4.80
CA ALA A 86 12.17 0.52 -4.76
C ALA A 86 11.59 0.58 -3.34
N LEU A 87 12.14 -0.23 -2.45
CA LEU A 87 11.68 -0.27 -1.06
C LEU A 87 12.22 0.91 -0.27
N PRO A 88 13.56 0.98 -0.16
CA PRO A 88 14.23 2.06 0.57
C PRO A 88 14.13 3.40 -0.15
N ALA A 89 13.43 3.40 -1.28
CA ALA A 89 13.25 4.62 -2.06
C ALA A 89 11.82 5.14 -1.95
N LEU A 90 10.87 4.32 -2.35
CA LEU A 90 9.46 4.68 -2.31
C LEU A 90 9.08 5.22 -0.93
N VAL A 91 9.59 4.58 0.11
CA VAL A 91 9.31 4.99 1.48
C VAL A 91 9.63 6.46 1.68
N GLN A 92 10.82 6.87 1.25
CA GLN A 92 11.25 8.26 1.39
C GLN A 92 10.21 9.21 0.81
N LEU A 93 9.54 8.77 -0.25
CA LEU A 93 8.52 9.59 -0.90
C LEU A 93 7.30 9.74 0.00
N LEU A 94 7.02 8.70 0.78
CA LEU A 94 5.87 8.72 1.69
C LEU A 94 5.88 9.99 2.55
N SER A 95 7.08 10.47 2.87
CA SER A 95 7.23 11.67 3.69
C SER A 95 7.79 12.82 2.86
N SER A 96 6.97 13.32 1.93
CA SER A 96 7.39 14.43 1.07
C SER A 96 6.37 15.55 1.11
N PRO A 97 6.80 16.76 0.71
CA PRO A 97 5.94 17.95 0.69
C PRO A 97 4.88 17.86 -0.40
N ASN A 98 5.27 17.41 -1.58
CA ASN A 98 4.35 17.28 -2.70
C ASN A 98 3.30 16.22 -2.42
N GLU A 99 2.03 16.63 -2.44
CA GLU A 99 0.92 15.71 -2.19
C GLU A 99 0.70 14.79 -3.38
N GLN A 100 0.71 15.36 -4.58
CA GLN A 100 0.51 14.59 -5.80
C GLN A 100 1.50 13.44 -5.89
N ILE A 101 2.74 13.70 -5.48
CA ILE A 101 3.78 12.68 -5.51
C ILE A 101 3.57 11.65 -4.41
N LEU A 102 3.16 12.11 -3.24
CA LEU A 102 2.92 11.23 -2.10
C LEU A 102 1.81 10.23 -2.41
N GLN A 103 0.81 10.68 -3.16
CA GLN A 103 -0.31 9.81 -3.53
C GLN A 103 0.17 8.61 -4.33
N GLU A 104 0.88 8.87 -5.42
CA GLU A 104 1.40 7.80 -6.26
C GLU A 104 2.38 6.92 -5.49
N ALA A 105 3.18 7.54 -4.64
CA ALA A 105 4.16 6.82 -3.84
C ALA A 105 3.50 5.66 -3.09
N LEU A 106 2.34 5.93 -2.51
CA LEU A 106 1.61 4.91 -1.76
C LEU A 106 0.95 3.91 -2.70
N TRP A 107 0.51 4.38 -3.86
CA TRP A 107 -0.13 3.53 -4.85
C TRP A 107 0.72 2.29 -5.14
N ALA A 108 2.02 2.51 -5.34
CA ALA A 108 2.93 1.41 -5.63
C ALA A 108 3.09 0.51 -4.41
N LEU A 109 3.21 1.12 -3.24
CA LEU A 109 3.37 0.37 -2.00
C LEU A 109 2.15 -0.51 -1.72
N SER A 110 0.98 0.00 -2.07
CA SER A 110 -0.27 -0.74 -1.87
C SER A 110 -0.32 -1.96 -2.77
N ASN A 111 -0.01 -1.77 -4.04
CA ASN A 111 -0.02 -2.86 -5.01
C ASN A 111 0.99 -3.94 -4.62
N ILE A 112 2.14 -3.51 -4.12
CA ILE A 112 3.19 -4.44 -3.72
C ILE A 112 2.83 -5.15 -2.42
N ALA A 113 2.39 -4.38 -1.43
CA ALA A 113 2.01 -4.91 -0.14
C ALA A 113 1.04 -6.09 -0.30
N SER A 114 0.23 -6.02 -1.35
CA SER A 114 -0.76 -7.07 -1.62
C SER A 114 -0.10 -8.28 -2.26
N GLY A 115 0.91 -8.83 -1.57
CA GLY A 115 1.61 -9.99 -2.09
C GLY A 115 1.24 -11.27 -1.35
N GLY A 116 2.05 -12.31 -1.54
CA GLY A 116 1.81 -13.58 -0.88
C GLY A 116 2.38 -13.62 0.52
N ASN A 117 2.26 -14.79 1.16
CA ASN A 117 2.78 -14.96 2.51
C ASN A 117 4.26 -14.60 2.58
N GLU A 118 5.05 -15.22 1.70
CA GLU A 118 6.48 -14.97 1.66
C GLU A 118 6.77 -13.49 1.39
N GLN A 119 5.93 -12.86 0.57
CA GLN A 119 6.09 -11.45 0.24
C GLN A 119 5.81 -10.57 1.45
N ILE A 120 4.69 -10.81 2.11
CA ILE A 120 4.32 -10.04 3.29
C ILE A 120 5.47 -9.98 4.30
N GLN A 121 6.03 -11.15 4.60
CA GLN A 121 7.13 -11.23 5.56
C GLN A 121 8.27 -10.32 5.14
N ALA A 122 8.48 -10.20 3.82
CA ALA A 122 9.56 -9.36 3.30
C ALA A 122 9.30 -7.89 3.59
N VAL A 123 8.02 -7.50 3.61
CA VAL A 123 7.64 -6.12 3.88
C VAL A 123 7.40 -5.90 5.37
N ILE A 124 8.31 -6.41 6.18
CA ILE A 124 8.21 -6.27 7.64
C ILE A 124 9.58 -6.01 8.26
N ASP A 125 10.59 -6.72 7.77
CA ASP A 125 11.94 -6.57 8.28
C ASP A 125 12.64 -5.37 7.63
N ALA A 126 12.13 -4.96 6.48
CA ALA A 126 12.70 -3.83 5.76
C ALA A 126 12.08 -2.51 6.23
N GLY A 127 11.40 -2.55 7.36
CA GLY A 127 10.76 -1.35 7.89
C GLY A 127 9.64 -0.86 7.01
N ALA A 128 8.43 -0.81 7.56
CA ALA A 128 7.26 -0.34 6.82
C ALA A 128 6.01 -0.41 7.67
N LEU A 129 5.94 -1.41 8.55
CA LEU A 129 4.79 -1.58 9.43
C LEU A 129 4.53 -0.32 10.25
N PRO A 130 5.54 0.09 11.03
CA PRO A 130 5.45 1.29 11.87
C PRO A 130 5.43 2.58 11.05
N ALA A 131 6.12 2.56 9.91
CA ALA A 131 6.18 3.72 9.04
C ALA A 131 4.79 4.11 8.53
N LEU A 132 3.94 3.11 8.36
CA LEU A 132 2.58 3.34 7.88
C LEU A 132 1.65 3.70 9.04
N VAL A 133 1.88 3.07 10.19
CA VAL A 133 1.06 3.33 11.37
C VAL A 133 0.98 4.82 11.67
N GLN A 134 2.11 5.51 11.54
CA GLN A 134 2.16 6.95 11.79
C GLN A 134 1.33 7.71 10.78
N LEU A 135 1.30 7.20 9.54
CA LEU A 135 0.54 7.84 8.48
C LEU A 135 -0.96 7.80 8.77
N LEU A 136 -1.40 6.75 9.46
CA LEU A 136 -2.80 6.59 9.82
C LEU A 136 -3.35 7.87 10.45
N SER A 137 -2.49 8.57 11.19
CA SER A 137 -2.90 9.81 11.84
C SER A 137 -2.37 11.02 11.08
N SER A 138 -2.93 11.26 9.89
CA SER A 138 -2.52 12.38 9.07
C SER A 138 -3.72 13.23 8.66
N PRO A 139 -3.46 14.50 8.32
CA PRO A 139 -4.51 15.44 7.90
C PRO A 139 -5.11 15.08 6.54
N ASN A 140 -4.28 14.54 5.66
CA ASN A 140 -4.73 14.16 4.33
C ASN A 140 -5.49 12.83 4.37
N GLU A 141 -6.65 12.80 3.71
CA GLU A 141 -7.47 11.59 3.69
C GLU A 141 -6.98 10.64 2.60
N GLN A 142 -6.70 11.18 1.42
CA GLN A 142 -6.23 10.38 0.30
C GLN A 142 -5.03 9.52 0.71
N ILE A 143 -4.19 10.06 1.58
CA ILE A 143 -3.02 9.34 2.05
C ILE A 143 -3.39 8.31 3.11
N LEU A 144 -4.36 8.65 3.94
CA LEU A 144 -4.82 7.75 5.00
C LEU A 144 -5.43 6.49 4.40
N GLN A 145 -6.25 6.66 3.38
CA GLN A 145 -6.91 5.53 2.73
C GLN A 145 -5.88 4.58 2.12
N GLU A 146 -4.87 5.15 1.46
CA GLU A 146 -3.83 4.35 0.83
C GLU A 146 -3.01 3.62 1.89
N ALA A 147 -2.89 4.22 3.07
CA ALA A 147 -2.13 3.62 4.16
C ALA A 147 -2.83 2.38 4.69
N LEU A 148 -4.15 2.39 4.67
CA LEU A 148 -4.94 1.26 5.15
C LEU A 148 -4.83 0.07 4.20
N TRP A 149 -4.67 0.36 2.92
CA TRP A 149 -4.55 -0.69 1.90
C TRP A 149 -3.48 -1.70 2.30
N ALA A 150 -2.22 -1.29 2.20
CA ALA A 150 -1.10 -2.17 2.54
C ALA A 150 -1.30 -2.78 3.93
N LEU A 151 -1.48 -1.94 4.93
CA LEU A 151 -1.68 -2.41 6.30
C LEU A 151 -2.74 -3.50 6.35
N SER A 152 -3.73 -3.40 5.46
CA SER A 152 -4.81 -4.38 5.41
C SER A 152 -4.36 -5.63 4.66
N ASN A 153 -3.72 -5.43 3.51
CA ASN A 153 -3.24 -6.55 2.70
C ASN A 153 -2.42 -7.53 3.54
N ILE A 154 -1.69 -6.99 4.52
CA ILE A 154 -0.87 -7.82 5.39
C ILE A 154 -1.73 -8.64 6.34
N ALA A 155 -2.86 -8.08 6.74
CA ALA A 155 -3.77 -8.77 7.64
C ALA A 155 -4.40 -9.99 6.98
N SER A 156 -4.69 -9.86 5.68
CA SER A 156 -5.30 -10.94 4.93
C SER A 156 -4.52 -12.25 5.13
N GLY A 157 -3.21 -12.13 5.25
CA GLY A 157 -2.38 -13.30 5.44
C GLY A 157 -2.77 -14.09 6.67
N GLY A 158 -2.02 -15.15 6.97
CA GLY A 158 -2.31 -15.97 8.12
C GLY A 158 -2.18 -15.23 9.42
N ASN A 159 -2.36 -15.93 10.54
CA ASN A 159 -2.28 -15.31 11.86
C ASN A 159 -0.93 -14.62 12.04
N GLU A 160 0.15 -15.38 11.86
CA GLU A 160 1.49 -14.83 12.01
C GLU A 160 1.63 -13.51 11.24
N GLN A 161 1.32 -13.55 9.95
CA GLN A 161 1.41 -12.36 9.12
C GLN A 161 0.66 -11.19 9.74
N ILE A 162 -0.45 -11.49 10.41
CA ILE A 162 -1.26 -10.47 11.06
C ILE A 162 -0.58 -9.93 12.30
N GLN A 163 0.22 -10.78 12.94
CA GLN A 163 0.95 -10.39 14.15
C GLN A 163 1.78 -9.12 13.90
N ALA A 164 2.43 -9.08 12.74
CA ALA A 164 3.25 -7.93 12.39
C ALA A 164 2.48 -6.63 12.54
N VAL A 165 1.21 -6.64 12.13
CA VAL A 165 0.37 -5.46 12.24
C VAL A 165 0.01 -5.15 13.68
N ILE A 166 -0.15 -6.19 14.48
CA ILE A 166 -0.49 -6.04 15.89
C ILE A 166 0.69 -5.50 16.68
N ASP A 167 1.89 -5.95 16.34
CA ASP A 167 3.10 -5.51 17.01
C ASP A 167 3.40 -4.05 16.69
N ALA A 168 3.10 -3.65 15.46
CA ALA A 168 3.34 -2.29 15.02
C ALA A 168 2.52 -1.29 15.84
N GLY A 169 1.31 -1.70 16.21
CA GLY A 169 0.44 -0.84 16.98
C GLY A 169 -0.81 -0.44 16.23
N ALA A 170 -1.25 -1.30 15.31
CA ALA A 170 -2.44 -1.03 14.51
C ALA A 170 -3.71 -1.33 15.30
N LEU A 171 -3.61 -2.25 16.24
CA LEU A 171 -4.75 -2.63 17.08
C LEU A 171 -5.44 -1.40 17.64
N PRO A 172 -4.69 -0.57 18.37
CA PRO A 172 -5.20 0.66 18.98
C PRO A 172 -5.52 1.73 17.94
N ALA A 173 -4.64 1.87 16.95
CA ALA A 173 -4.84 2.85 15.90
C ALA A 173 -6.22 2.74 15.28
N LEU A 174 -6.63 1.51 14.98
CA LEU A 174 -7.94 1.26 14.38
C LEU A 174 -9.04 1.45 15.41
N VAL A 175 -8.75 1.13 16.66
CA VAL A 175 -9.71 1.26 17.74
C VAL A 175 -10.20 2.70 17.87
N GLN A 176 -9.32 3.65 17.56
CA GLN A 176 -9.65 5.06 17.63
C GLN A 176 -10.33 5.54 16.34
N LEU A 177 -9.69 5.26 15.21
CA LEU A 177 -10.22 5.65 13.92
C LEU A 177 -11.68 5.22 13.78
N LEU A 178 -12.02 4.11 14.42
CA LEU A 178 -13.38 3.59 14.37
C LEU A 178 -14.40 4.69 14.63
N SER A 179 -14.07 5.60 15.54
CA SER A 179 -14.96 6.71 15.88
C SER A 179 -14.70 7.90 14.96
N SER A 180 -15.33 7.88 13.78
CA SER A 180 -15.18 8.96 12.82
C SER A 180 -16.51 9.26 12.12
N PRO A 181 -16.77 10.55 11.90
CA PRO A 181 -18.00 11.00 11.24
C PRO A 181 -18.02 10.64 9.76
N ASN A 182 -16.84 10.61 9.13
CA ASN A 182 -16.72 10.28 7.72
C ASN A 182 -17.06 8.81 7.48
N GLU A 183 -18.07 8.56 6.65
CA GLU A 183 -18.48 7.20 6.34
C GLU A 183 -17.39 6.46 5.58
N GLN A 184 -16.66 7.18 4.73
CA GLN A 184 -15.59 6.60 3.95
C GLN A 184 -14.56 5.92 4.85
N ILE A 185 -14.33 6.51 6.01
CA ILE A 185 -13.38 5.96 6.97
C ILE A 185 -14.04 4.95 7.90
N LEU A 186 -15.28 5.21 8.26
CA LEU A 186 -16.03 4.32 9.14
C LEU A 186 -16.02 2.88 8.60
N GLN A 187 -16.13 2.75 7.28
CA GLN A 187 -16.13 1.44 6.65
C GLN A 187 -14.70 0.91 6.51
N GLU A 188 -13.82 1.74 5.95
CA GLU A 188 -12.43 1.35 5.77
C GLU A 188 -11.83 0.81 7.07
N ALA A 189 -11.81 1.65 8.10
CA ALA A 189 -11.27 1.27 9.39
C ALA A 189 -11.86 -0.06 9.86
N LEU A 190 -13.15 -0.26 9.59
CA LEU A 190 -13.84 -1.48 9.98
C LEU A 190 -13.30 -2.68 9.21
N TRP A 191 -13.02 -2.47 7.93
CA TRP A 191 -12.50 -3.54 7.07
C TRP A 191 -11.28 -4.19 7.70
N ALA A 192 -10.22 -3.39 7.90
CA ALA A 192 -8.99 -3.90 8.49
C ALA A 192 -9.27 -4.61 9.81
N LEU A 193 -10.13 -4.02 10.62
CA LEU A 193 -10.49 -4.59 11.91
C LEU A 193 -11.16 -5.95 11.74
N SER A 194 -11.82 -6.14 10.61
CA SER A 194 -12.50 -7.40 10.32
C SER A 194 -11.59 -8.36 9.57
N ASN A 195 -10.30 -8.32 9.91
CA ASN A 195 -9.32 -9.19 9.27
C ASN A 195 -8.28 -9.67 10.28
N ILE A 196 -7.85 -8.77 11.16
CA ILE A 196 -6.85 -9.10 12.17
C ILE A 196 -7.40 -10.15 13.14
N ALA A 197 -8.68 -10.06 13.44
CA ALA A 197 -9.32 -11.01 14.35
C ALA A 197 -9.88 -12.21 13.60
N SER A 198 -9.07 -12.77 12.71
CA SER A 198 -9.48 -13.92 11.90
C SER A 198 -8.51 -15.09 12.08
N GLY A 199 -7.93 -15.19 13.28
CA GLY A 199 -6.99 -16.26 13.57
C GLY A 199 -7.51 -17.21 14.62
N GLY A 200 -6.72 -17.40 15.68
CA GLY A 200 -7.11 -18.30 16.75
C GLY A 200 -7.40 -17.58 18.04
N ASN A 201 -7.64 -18.33 19.11
CA ASN A 201 -7.93 -17.75 20.41
C ASN A 201 -6.86 -16.73 20.80
N GLU A 202 -5.61 -17.02 20.43
CA GLU A 202 -4.51 -16.13 20.75
C GLU A 202 -4.63 -14.82 19.98
N GLN A 203 -4.94 -14.92 18.69
CA GLN A 203 -5.09 -13.74 17.84
C GLN A 203 -6.30 -12.92 18.26
N LYS A 204 -7.38 -13.60 18.63
CA LYS A 204 -8.61 -12.94 19.05
C LYS A 204 -8.37 -12.12 20.32
N GLN A 205 -7.88 -12.79 21.36
CA GLN A 205 -7.61 -12.12 22.62
C GLN A 205 -6.77 -10.86 22.42
N ALA A 206 -5.83 -10.94 21.48
CA ALA A 206 -4.96 -9.80 21.17
C ALA A 206 -5.78 -8.58 20.75
N VAL A 207 -6.88 -8.83 20.06
CA VAL A 207 -7.75 -7.76 19.59
C VAL A 207 -8.60 -7.21 20.72
N LYS A 208 -9.18 -8.10 21.51
CA LYS A 208 -10.02 -7.72 22.64
C LYS A 208 -9.32 -6.68 23.50
N GLU A 209 -8.06 -6.94 23.83
CA GLU A 209 -7.28 -6.02 24.65
C GLU A 209 -7.29 -4.61 24.05
N ALA A 210 -7.32 -4.53 22.72
CA ALA A 210 -7.33 -3.25 22.03
C ALA A 210 -8.54 -2.42 22.44
N GLY A 211 -9.56 -3.09 22.97
CA GLY A 211 -10.76 -2.39 23.39
C GLY A 211 -11.63 -1.96 22.23
N ALA A 212 -11.64 -2.77 21.17
CA ALA A 212 -12.44 -2.46 19.99
C ALA A 212 -13.87 -2.92 20.16
N LEU A 213 -14.51 -2.50 21.25
CA LEU A 213 -15.89 -2.87 21.54
C LEU A 213 -16.76 -1.62 21.70
N GLU A 214 -16.19 -0.59 22.32
CA GLU A 214 -16.92 0.65 22.54
C GLU A 214 -17.34 1.28 21.21
N LYS A 215 -16.53 1.06 20.18
CA LYS A 215 -16.81 1.59 18.85
C LYS A 215 -17.68 0.63 18.05
N LEU A 216 -17.40 -0.66 18.18
CA LEU A 216 -18.16 -1.69 17.46
C LEU A 216 -19.59 -1.74 17.96
N GLU A 217 -19.76 -1.89 19.27
CA GLU A 217 -21.09 -1.96 19.87
C GLU A 217 -21.88 -0.68 19.57
N GLN A 218 -21.18 0.45 19.54
CA GLN A 218 -21.83 1.73 19.27
C GLN A 218 -22.23 1.83 17.79
N LEU A 219 -21.41 1.27 16.92
CA LEU A 219 -21.68 1.30 15.49
C LEU A 219 -23.05 0.71 15.18
N GLN A 220 -23.46 -0.28 15.96
CA GLN A 220 -24.75 -0.93 15.77
C GLN A 220 -25.88 0.10 15.80
N SER A 221 -25.70 1.14 16.60
CA SER A 221 -26.71 2.19 16.73
C SER A 221 -26.78 3.03 15.45
N HIS A 222 -25.66 3.08 14.73
CA HIS A 222 -25.60 3.85 13.49
C HIS A 222 -26.81 3.55 12.60
N GLU A 223 -27.09 4.45 11.66
CA GLU A 223 -28.22 4.29 10.76
C GLU A 223 -27.79 3.55 9.50
N ASN A 224 -26.65 3.94 8.95
CA ASN A 224 -26.12 3.32 7.73
C ASN A 224 -26.09 1.80 7.87
N GLU A 225 -27.05 1.14 7.23
CA GLU A 225 -27.13 -0.32 7.28
C GLU A 225 -25.80 -0.95 6.89
N LYS A 226 -25.14 -0.36 5.90
CA LYS A 226 -23.85 -0.88 5.43
C LYS A 226 -22.88 -1.03 6.60
N ILE A 227 -22.85 -0.04 7.49
CA ILE A 227 -21.97 -0.07 8.64
C ILE A 227 -22.43 -1.10 9.67
N GLN A 228 -23.75 -1.24 9.80
CA GLN A 228 -24.32 -2.20 10.74
C GLN A 228 -23.90 -3.62 10.39
N LYS A 229 -24.00 -3.97 9.11
CA LYS A 229 -23.64 -5.30 8.65
C LYS A 229 -22.17 -5.60 8.94
N GLU A 230 -21.30 -4.65 8.60
CA GLU A 230 -19.87 -4.80 8.83
C GLU A 230 -19.57 -5.03 10.31
N ALA A 231 -20.15 -4.18 11.15
CA ALA A 231 -19.95 -4.29 12.59
C ALA A 231 -20.52 -5.58 13.14
N GLN A 232 -21.69 -5.97 12.62
CA GLN A 232 -22.35 -7.20 13.05
C GLN A 232 -21.55 -8.42 12.63
N GLU A 233 -20.94 -8.34 11.45
CA GLU A 233 -20.14 -9.45 10.93
C GLU A 233 -18.86 -9.62 11.73
N ALA A 234 -18.28 -8.50 12.16
CA ALA A 234 -17.05 -8.53 12.95
C ALA A 234 -17.30 -9.03 14.36
N LEU A 235 -18.47 -8.70 14.90
CA LEU A 235 -18.84 -9.13 16.25
C LEU A 235 -19.38 -10.55 16.24
N GLU A 236 -20.09 -10.90 15.18
CA GLU A 236 -20.66 -12.25 15.05
C GLU A 236 -19.57 -13.31 15.18
N LYS A 237 -18.44 -13.07 14.53
CA LYS A 237 -17.33 -14.01 14.58
C LYS A 237 -16.59 -13.93 15.90
N LEU A 238 -16.62 -12.75 16.53
CA LEU A 238 -15.96 -12.54 17.81
C LEU A 238 -16.53 -13.47 18.87
N GLN A 239 -17.84 -13.66 18.83
CA GLN A 239 -18.52 -14.53 19.79
C GLN A 239 -18.23 -15.99 19.51
#